data_1S4N
#
_entry.id   1S4N
#
_cell.length_a   60.694
_cell.length_b   101.068
_cell.length_c   62.036
_cell.angle_alpha   90.00
_cell.angle_beta   98.81
_cell.angle_gamma   90.00
#
_symmetry.space_group_name_H-M   'P 1 21 1'
#
loop_
_entity.id
_entity.type
_entity.pdbx_description
1 polymer 'Glycolipid 2-alpha-mannosyltransferase'
2 branched alpha-D-mannopyranose-(1-2)-alpha-D-mannopyranose-(1-3)-[alpha-D-mannopyranose-(1-3)-[alpha-D-mannopyranose-(1-6)]alpha-D-mannopyranose-(1-6)]beta-D-mannopyranose-(1-4)-2-acetamido-2-deoxy-beta-D-glucopyranose-(1-4)-2-acetamido-2-deoxy-beta-D-glucopyranose
3 branched 2-acetamido-2-deoxy-alpha-D-glucopyranose-(1-4)-2-acetamido-2-deoxy-beta-D-glucopyranose
4 non-polymer 'CHLORIDE ION'
5 non-polymer GLYCEROL
6 water water
#
_entity_poly.entity_id   1
_entity_poly.type   'polypeptide(L)'
_entity_poly.pdbx_seq_one_letter_code
;EFADAPIDTKTTMDYITPSFANKAGKPKACYVTLVRNKELKGLLSSIKYVENKINKKFPYPWVFLNDEPFTEEFKEAVTK
AVSSEVKFGILPKEHWSYPEWINQTKAAEIRADAATKYIYGGSESYRHMCRYQSGFFWRHELLEEYDWYWRVEPDIKLYC
DINYDVFKWMQENEKVYGFTVSIHEYEVTIPTLWQTSMDFIKKNPEYLDENNLMSFLSNDNGKTYNLCHFWSNFEIANLN
LWRSPAYREYFDTLDHQGGFFYERWGDAPVHSIAAALFLPKDKIHYFSDIGYHHPPYDNCPLDKEVYNSNNCECDQGNDF
TFQGYSCGKEYYDAQGLVKPKNWKKFRE
;
_entity_poly.pdbx_strand_id   A,B
#
loop_
_chem_comp.id
_chem_comp.type
_chem_comp.name
_chem_comp.formula
BMA D-saccharide, beta linking beta-D-mannopyranose 'C6 H12 O6'
CL non-polymer 'CHLORIDE ION' 'Cl -1'
GOL non-polymer GLYCEROL 'C3 H8 O3'
MAN D-saccharide, alpha linking alpha-D-mannopyranose 'C6 H12 O6'
NAG D-saccharide, beta linking 2-acetamido-2-deoxy-beta-D-glucopyranose 'C8 H15 N O6'
NDG D-saccharide, alpha linking 2-acetamido-2-deoxy-alpha-D-glucopyranose 'C8 H15 N O6'
#
# COMPACT_ATOMS: atom_id res chain seq x y z
N LYS A 10 -39.12 16.86 3.53
CA LYS A 10 -38.59 15.48 3.69
C LYS A 10 -37.08 15.42 3.46
N THR A 11 -36.34 15.50 4.57
CA THR A 11 -34.88 15.50 4.58
C THR A 11 -34.16 14.18 4.31
N THR A 12 -32.85 14.27 4.15
CA THR A 12 -32.06 13.08 3.92
C THR A 12 -32.32 12.03 5.01
N MET A 13 -32.37 12.44 6.28
CA MET A 13 -32.58 11.46 7.33
C MET A 13 -33.95 10.81 7.26
N ASP A 14 -34.94 11.53 6.71
CA ASP A 14 -36.28 10.96 6.55
C ASP A 14 -36.27 9.71 5.66
N TYR A 15 -35.31 9.60 4.75
CA TYR A 15 -35.23 8.41 3.89
C TYR A 15 -34.51 7.26 4.58
N ILE A 16 -33.83 7.59 5.68
CA ILE A 16 -33.06 6.59 6.42
C ILE A 16 -33.70 6.10 7.72
N THR A 17 -34.30 7.00 8.50
CA THR A 17 -34.88 6.58 9.78
C THR A 17 -35.86 5.39 9.73
N PRO A 18 -36.57 5.19 8.61
CA PRO A 18 -37.47 4.03 8.59
C PRO A 18 -36.72 2.70 8.80
N SER A 19 -35.45 2.62 8.41
CA SER A 19 -34.71 1.37 8.59
C SER A 19 -34.22 1.21 10.03
N PHE A 20 -34.52 2.21 10.86
CA PHE A 20 -34.19 2.15 12.28
C PHE A 20 -35.50 1.74 12.98
N LYS A 23 -37.70 -1.03 13.73
CA LYS A 23 -38.05 -2.24 14.55
C LYS A 23 -36.78 -2.96 15.00
N ALA A 24 -36.92 -3.87 15.96
CA ALA A 24 -35.77 -4.64 16.45
C ALA A 24 -35.77 -6.02 15.80
N GLY A 25 -36.13 -6.06 14.52
CA GLY A 25 -36.13 -7.32 13.81
C GLY A 25 -34.73 -7.49 13.23
N LYS A 26 -34.52 -8.53 12.43
CA LYS A 26 -33.21 -8.78 11.82
C LYS A 26 -33.01 -7.82 10.65
N PRO A 27 -31.93 -7.02 10.66
CA PRO A 27 -31.69 -6.09 9.54
C PRO A 27 -31.58 -6.77 8.18
N LYS A 28 -32.05 -6.08 7.14
CA LYS A 28 -31.95 -6.61 5.78
C LYS A 28 -30.58 -6.15 5.30
N ALA A 29 -29.59 -7.04 5.38
CA ALA A 29 -28.23 -6.66 4.99
C ALA A 29 -27.49 -7.73 4.22
N CYS A 30 -26.38 -7.33 3.61
CA CYS A 30 -25.55 -8.24 2.83
C CYS A 30 -24.12 -7.75 2.78
N TYR A 31 -23.20 -8.64 2.41
CA TYR A 31 -21.81 -8.25 2.21
C TYR A 31 -21.89 -7.99 0.69
N VAL A 32 -21.03 -7.13 0.17
CA VAL A 32 -21.03 -6.89 -1.26
C VAL A 32 -19.59 -6.75 -1.71
N THR A 33 -19.27 -7.40 -2.83
CA THR A 33 -17.90 -7.39 -3.36
C THR A 33 -17.89 -7.15 -4.86
N LEU A 34 -17.07 -6.20 -5.31
CA LEU A 34 -16.93 -5.95 -6.75
C LEU A 34 -15.58 -6.58 -7.05
N VAL A 35 -15.55 -7.59 -7.90
CA VAL A 35 -14.27 -8.24 -8.17
C VAL A 35 -14.18 -8.82 -9.58
N ARG A 36 -12.95 -9.11 -10.00
CA ARG A 36 -12.72 -9.70 -11.32
C ARG A 36 -12.28 -11.16 -11.22
N ASN A 37 -12.46 -11.91 -12.30
CA ASN A 37 -12.13 -13.33 -12.31
C ASN A 37 -10.67 -13.64 -11.96
N LYS A 38 -9.76 -12.77 -12.38
CA LYS A 38 -8.35 -12.98 -12.12
C LYS A 38 -7.94 -12.81 -10.64
N GLU A 39 -8.89 -12.43 -9.79
CA GLU A 39 -8.61 -12.22 -8.37
C GLU A 39 -9.19 -13.27 -7.43
N LEU A 40 -9.49 -14.44 -7.97
CA LEU A 40 -10.05 -15.52 -7.18
C LEU A 40 -9.27 -15.85 -5.92
N LYS A 41 -7.96 -16.06 -6.04
CA LYS A 41 -7.17 -16.41 -4.86
C LYS A 41 -7.22 -15.34 -3.77
N GLY A 42 -7.09 -14.06 -4.14
CA GLY A 42 -7.16 -13.03 -3.11
C GLY A 42 -8.55 -12.98 -2.49
N LEU A 43 -9.58 -13.15 -3.32
CA LEU A 43 -10.96 -13.13 -2.84
C LEU A 43 -11.23 -14.29 -1.87
N LEU A 44 -10.80 -15.50 -2.24
CA LEU A 44 -11.00 -16.66 -1.36
C LEU A 44 -10.35 -16.41 -0.03
N SER A 45 -9.18 -15.78 -0.04
CA SER A 45 -8.49 -15.47 1.21
C SER A 45 -9.33 -14.52 2.10
N SER A 46 -9.93 -13.51 1.49
CA SER A 46 -10.78 -12.57 2.24
C SER A 46 -12.02 -13.28 2.81
N ILE A 47 -12.56 -14.23 2.05
CA ILE A 47 -13.74 -14.96 2.50
C ILE A 47 -13.42 -15.75 3.75
N LYS A 48 -12.24 -16.39 3.76
CA LYS A 48 -11.79 -17.17 4.90
C LYS A 48 -11.78 -16.31 6.18
N TYR A 49 -11.29 -15.08 6.05
CA TYR A 49 -11.25 -14.19 7.19
C TYR A 49 -12.66 -13.82 7.62
N VAL A 50 -13.49 -13.42 6.66
CA VAL A 50 -14.86 -13.04 6.99
C VAL A 50 -15.61 -14.23 7.64
N GLU A 51 -15.53 -15.41 7.02
CA GLU A 51 -16.16 -16.60 7.57
C GLU A 51 -15.72 -16.91 9.00
N ASN A 52 -14.40 -16.98 9.20
CA ASN A 52 -13.85 -17.30 10.52
C ASN A 52 -14.05 -16.26 11.61
N LYS A 53 -14.06 -14.98 11.21
CA LYS A 53 -14.18 -13.94 12.21
C LYS A 53 -15.58 -13.48 12.57
N ILE A 54 -16.55 -13.70 11.68
CA ILE A 54 -17.91 -13.29 11.95
C ILE A 54 -19.07 -13.98 11.22
N ASN A 55 -18.92 -14.28 9.94
CA ASN A 55 -20.04 -14.85 9.20
C ASN A 55 -20.62 -16.16 9.73
N LYS A 56 -19.80 -16.99 10.37
CA LYS A 56 -20.27 -18.26 10.95
C LYS A 56 -21.18 -17.96 12.14
N LYS A 57 -20.83 -16.92 12.89
CA LYS A 57 -21.61 -16.54 14.07
C LYS A 57 -22.89 -15.82 13.70
N PHE A 58 -22.77 -14.81 12.84
CA PHE A 58 -23.92 -14.02 12.41
C PHE A 58 -23.98 -14.02 10.88
N PRO A 59 -24.59 -15.07 10.32
CA PRO A 59 -24.71 -15.19 8.86
C PRO A 59 -25.60 -14.20 8.12
N TYR A 60 -25.05 -13.69 7.02
CA TYR A 60 -25.74 -12.76 6.16
C TYR A 60 -25.38 -13.11 4.73
N PRO A 61 -26.30 -12.90 3.79
CA PRO A 61 -26.04 -13.22 2.38
C PRO A 61 -24.91 -12.35 1.85
N TRP A 62 -24.19 -12.88 0.86
CA TRP A 62 -23.05 -12.21 0.25
C TRP A 62 -23.31 -12.04 -1.23
N VAL A 63 -23.22 -10.79 -1.70
CA VAL A 63 -23.44 -10.48 -3.10
C VAL A 63 -22.10 -10.22 -3.80
N PHE A 64 -21.89 -10.87 -4.94
CA PHE A 64 -20.66 -10.66 -5.69
C PHE A 64 -21.02 -10.06 -7.03
N LEU A 65 -20.41 -8.94 -7.37
CA LEU A 65 -20.68 -8.25 -8.63
C LEU A 65 -19.44 -8.22 -9.52
N ASN A 66 -19.65 -8.25 -10.83
CA ASN A 66 -18.54 -8.25 -11.79
C ASN A 66 -19.00 -7.55 -13.07
N ASP A 67 -18.09 -6.83 -13.75
CA ASP A 67 -18.46 -6.16 -14.98
C ASP A 67 -18.42 -7.19 -16.12
N GLU A 68 -17.78 -8.34 -15.84
CA GLU A 68 -17.72 -9.45 -16.80
C GLU A 68 -18.40 -10.67 -16.16
N PRO A 69 -18.80 -11.65 -16.96
CA PRO A 69 -19.43 -12.81 -16.32
C PRO A 69 -18.43 -13.62 -15.46
N PHE A 70 -18.92 -14.20 -14.36
CA PHE A 70 -18.09 -15.02 -13.47
C PHE A 70 -17.84 -16.39 -14.10
N THR A 71 -16.65 -16.96 -13.90
CA THR A 71 -16.41 -18.29 -14.45
C THR A 71 -17.08 -19.31 -13.54
N GLU A 72 -17.25 -20.52 -14.07
CA GLU A 72 -17.86 -21.58 -13.30
C GLU A 72 -16.95 -21.97 -12.15
N GLU A 73 -15.65 -21.98 -12.41
CA GLU A 73 -14.70 -22.34 -11.36
C GLU A 73 -14.78 -21.30 -10.23
N PHE A 74 -14.88 -20.04 -10.60
CA PHE A 74 -14.96 -18.96 -9.62
C PHE A 74 -16.20 -19.15 -8.72
N LYS A 75 -17.35 -19.37 -9.33
CA LYS A 75 -18.58 -19.55 -8.57
C LYS A 75 -18.58 -20.78 -7.68
N GLU A 76 -18.06 -21.90 -8.17
CA GLU A 76 -18.02 -23.11 -7.37
C GLU A 76 -17.12 -22.90 -6.16
N ALA A 77 -15.95 -22.31 -6.39
CA ALA A 77 -15.00 -22.06 -5.32
C ALA A 77 -15.57 -21.11 -4.26
N VAL A 78 -16.29 -20.09 -4.69
CA VAL A 78 -16.86 -19.12 -3.76
C VAL A 78 -18.00 -19.72 -2.96
N THR A 79 -18.83 -20.50 -3.65
CA THR A 79 -19.97 -21.14 -3.01
C THR A 79 -19.48 -22.06 -1.90
N LYS A 80 -18.39 -22.78 -2.14
CA LYS A 80 -17.86 -23.68 -1.11
C LYS A 80 -17.27 -22.92 0.07
N ALA A 81 -16.58 -21.81 -0.21
CA ALA A 81 -15.92 -21.03 0.82
C ALA A 81 -16.87 -20.29 1.75
N VAL A 82 -18.04 -19.91 1.22
CA VAL A 82 -19.04 -19.17 2.01
C VAL A 82 -20.14 -20.07 2.63
N SER A 83 -20.36 -19.92 3.94
CA SER A 83 -21.35 -20.71 4.66
C SER A 83 -22.79 -20.19 4.59
N SER A 84 -22.95 -18.91 4.24
CA SER A 84 -24.29 -18.33 4.12
C SER A 84 -24.66 -18.29 2.64
N GLU A 85 -25.78 -17.66 2.31
CA GLU A 85 -26.20 -17.59 0.91
C GLU A 85 -25.33 -16.66 0.08
N VAL A 86 -24.98 -17.09 -1.13
CA VAL A 86 -24.18 -16.26 -2.02
C VAL A 86 -25.02 -15.92 -3.24
N LYS A 87 -24.79 -14.76 -3.83
CA LYS A 87 -25.51 -14.32 -5.03
C LYS A 87 -24.51 -13.69 -5.96
N PHE A 88 -24.61 -14.04 -7.24
CA PHE A 88 -23.70 -13.51 -8.26
C PHE A 88 -24.45 -12.63 -9.23
N GLY A 89 -23.90 -11.45 -9.51
CA GLY A 89 -24.55 -10.56 -10.44
C GLY A 89 -23.55 -9.85 -11.36
N ILE A 90 -23.99 -9.53 -12.58
CA ILE A 90 -23.15 -8.81 -13.53
C ILE A 90 -23.77 -7.40 -13.58
N LEU A 91 -22.94 -6.39 -13.75
CA LEU A 91 -23.53 -5.06 -13.75
C LEU A 91 -23.89 -4.57 -15.15
N PRO A 92 -24.90 -3.71 -15.23
CA PRO A 92 -25.42 -3.11 -16.48
C PRO A 92 -24.34 -2.35 -17.27
N LYS A 93 -24.41 -2.45 -18.59
CA LYS A 93 -23.48 -1.75 -19.47
C LYS A 93 -23.57 -0.25 -19.15
N GLU A 94 -24.79 0.23 -18.89
CA GLU A 94 -25.02 1.64 -18.59
C GLU A 94 -24.33 2.11 -17.30
N HIS A 95 -23.86 1.17 -16.47
CA HIS A 95 -23.18 1.51 -15.22
C HIS A 95 -21.68 1.24 -15.34
N TRP A 96 -21.20 1.00 -16.56
CA TRP A 96 -19.78 0.72 -16.78
C TRP A 96 -19.41 1.09 -18.20
N SER A 97 -19.65 2.36 -18.55
CA SER A 97 -19.36 2.89 -19.88
C SER A 97 -19.27 4.41 -19.84
N TYR A 98 -18.74 5.02 -20.90
CA TYR A 98 -18.62 6.47 -20.95
C TYR A 98 -19.96 7.15 -21.16
N PRO A 99 -20.27 8.19 -20.36
CA PRO A 99 -21.56 8.90 -20.55
C PRO A 99 -21.44 9.62 -21.89
N GLU A 100 -22.56 9.99 -22.49
CA GLU A 100 -22.47 10.65 -23.80
C GLU A 100 -21.74 11.99 -23.78
N TRP A 101 -21.74 12.66 -22.64
CA TRP A 101 -21.12 13.96 -22.54
C TRP A 101 -19.60 13.97 -22.31
N ILE A 102 -19.00 12.78 -22.17
CA ILE A 102 -17.56 12.69 -21.93
C ILE A 102 -16.77 12.56 -23.24
N ASN A 103 -15.72 13.38 -23.35
CA ASN A 103 -14.84 13.41 -24.51
C ASN A 103 -13.80 12.31 -24.31
N GLN A 104 -14.01 11.16 -24.97
CA GLN A 104 -13.12 10.02 -24.82
C GLN A 104 -11.70 10.26 -25.33
N THR A 105 -11.53 11.13 -26.33
CA THR A 105 -10.18 11.41 -26.83
C THR A 105 -9.44 12.14 -25.72
N LYS A 106 -10.13 13.08 -25.10
CA LYS A 106 -9.54 13.83 -24.00
C LYS A 106 -9.20 12.90 -22.83
N ALA A 107 -10.12 11.99 -22.49
CA ALA A 107 -9.93 11.05 -21.40
C ALA A 107 -8.70 10.17 -21.68
N ALA A 108 -8.59 9.74 -22.94
CA ALA A 108 -7.48 8.91 -23.40
C ALA A 108 -6.15 9.62 -23.19
N GLU A 109 -6.08 10.89 -23.58
CA GLU A 109 -4.86 11.69 -23.42
C GLU A 109 -4.50 11.82 -21.95
N ILE A 110 -5.50 12.08 -21.12
CA ILE A 110 -5.29 12.23 -19.68
C ILE A 110 -4.64 10.96 -19.11
N ARG A 111 -5.19 9.78 -19.47
CA ARG A 111 -4.66 8.50 -18.97
C ARG A 111 -3.20 8.24 -19.39
N ALA A 112 -2.96 8.36 -20.70
CA ALA A 112 -1.63 8.12 -21.24
C ALA A 112 -0.63 9.03 -20.53
N ASP A 113 -1.00 10.28 -20.35
CA ASP A 113 -0.15 11.26 -19.70
C ASP A 113 0.12 10.92 -18.24
N ALA A 114 -0.92 10.51 -17.53
CA ALA A 114 -0.78 10.17 -16.10
C ALA A 114 -0.35 8.73 -15.79
N ALA A 115 -0.17 7.88 -16.80
CA ALA A 115 0.18 6.47 -16.55
C ALA A 115 1.24 6.24 -15.47
N THR A 116 2.33 6.98 -15.58
CA THR A 116 3.44 6.87 -14.65
C THR A 116 3.39 7.98 -13.59
N LYS A 117 2.37 8.83 -13.63
CA LYS A 117 2.30 9.94 -12.66
C LYS A 117 1.70 9.63 -11.27
N TYR A 118 0.82 8.65 -11.20
CA TYR A 118 0.21 8.28 -9.92
C TYR A 118 -0.47 6.95 -10.11
N ILE A 119 -0.68 6.21 -9.01
CA ILE A 119 -1.28 4.90 -9.10
C ILE A 119 -2.62 4.89 -9.85
N TYR A 120 -2.70 3.98 -10.83
CA TYR A 120 -3.88 3.81 -11.69
C TYR A 120 -4.10 5.01 -12.59
N GLY A 121 -3.08 5.85 -12.68
CA GLY A 121 -3.17 7.04 -13.50
C GLY A 121 -3.52 6.76 -14.94
N GLY A 122 -2.96 5.67 -15.49
CA GLY A 122 -3.23 5.34 -16.87
C GLY A 122 -4.32 4.32 -17.08
N SER A 123 -4.99 3.92 -16.00
CA SER A 123 -6.01 2.87 -16.09
C SER A 123 -7.42 3.33 -16.45
N GLU A 124 -7.90 2.81 -17.56
CA GLU A 124 -9.24 3.12 -18.02
C GLU A 124 -10.26 2.40 -17.12
N SER A 125 -9.99 1.13 -16.81
CA SER A 125 -10.93 0.36 -15.99
C SER A 125 -11.07 0.82 -14.55
N TYR A 126 -9.98 1.33 -13.96
CA TYR A 126 -10.00 1.80 -12.59
C TYR A 126 -11.02 2.94 -12.43
N ARG A 127 -11.11 3.80 -13.42
CA ARG A 127 -12.04 4.92 -13.37
C ARG A 127 -13.49 4.46 -13.48
N HIS A 128 -13.76 3.43 -14.28
CA HIS A 128 -15.12 2.91 -14.37
C HIS A 128 -15.49 2.31 -13.01
N MET A 129 -14.49 1.70 -12.34
CA MET A 129 -14.70 1.10 -11.03
C MET A 129 -15.01 2.20 -10.01
N CYS A 130 -14.26 3.29 -10.02
CA CYS A 130 -14.53 4.38 -9.07
C CYS A 130 -15.90 4.98 -9.28
N ARG A 131 -16.30 5.13 -10.55
CA ARG A 131 -17.59 5.69 -10.87
C ARG A 131 -18.69 4.71 -10.45
N TYR A 132 -18.43 3.41 -10.62
CA TYR A 132 -19.41 2.40 -10.26
C TYR A 132 -19.66 2.38 -8.76
N GLN A 133 -18.59 2.40 -7.98
CA GLN A 133 -18.70 2.39 -6.52
C GLN A 133 -19.29 3.71 -6.01
N SER A 134 -19.16 4.79 -6.78
CA SER A 134 -19.71 6.05 -6.35
C SER A 134 -21.21 6.13 -6.66
N GLY A 135 -21.61 5.82 -7.89
CA GLY A 135 -23.02 6.00 -8.22
C GLY A 135 -23.92 4.86 -8.62
N PHE A 136 -23.41 3.64 -8.70
CA PHE A 136 -24.23 2.52 -9.17
C PHE A 136 -24.36 1.23 -8.40
N PHE A 137 -23.36 0.87 -7.61
CA PHE A 137 -23.40 -0.39 -6.88
C PHE A 137 -24.60 -0.48 -6.01
N TRP A 138 -24.94 0.63 -5.38
CA TRP A 138 -26.06 0.68 -4.45
C TRP A 138 -27.45 0.58 -5.07
N ARG A 139 -27.54 0.58 -6.40
CA ARG A 139 -28.82 0.42 -7.06
C ARG A 139 -28.81 -0.78 -8.01
N HIS A 140 -27.87 -1.70 -7.80
CA HIS A 140 -27.84 -2.91 -8.62
C HIS A 140 -29.08 -3.66 -8.17
N GLU A 141 -29.70 -4.43 -9.05
CA GLU A 141 -30.91 -5.16 -8.68
C GLU A 141 -30.74 -6.06 -7.46
N LEU A 142 -29.56 -6.65 -7.29
CA LEU A 142 -29.34 -7.56 -6.16
C LEU A 142 -29.29 -6.87 -4.81
N LEU A 143 -29.16 -5.54 -4.77
CA LEU A 143 -29.12 -4.84 -3.49
C LEU A 143 -30.44 -4.15 -3.17
N GLU A 144 -31.40 -4.22 -4.09
CA GLU A 144 -32.67 -3.55 -3.84
C GLU A 144 -33.38 -3.98 -2.55
N GLU A 145 -33.37 -5.27 -2.24
CA GLU A 145 -34.06 -5.75 -1.04
C GLU A 145 -33.36 -5.47 0.30
N TYR A 146 -32.16 -4.88 0.25
CA TYR A 146 -31.41 -4.59 1.48
C TYR A 146 -31.36 -3.14 1.90
N ASP A 147 -31.14 -2.93 3.20
CA ASP A 147 -31.01 -1.60 3.75
C ASP A 147 -29.55 -1.33 4.11
N TRP A 148 -28.80 -2.41 4.34
CA TRP A 148 -27.39 -2.31 4.74
C TRP A 148 -26.43 -3.15 3.90
N TYR A 149 -25.16 -2.72 3.83
CA TYR A 149 -24.15 -3.49 3.10
C TYR A 149 -22.83 -3.38 3.82
N TRP A 150 -21.97 -4.37 3.58
CA TRP A 150 -20.62 -4.42 4.15
C TRP A 150 -19.70 -4.71 2.96
N ARG A 151 -18.93 -3.72 2.53
CA ARG A 151 -18.04 -3.93 1.39
C ARG A 151 -16.79 -4.71 1.78
N VAL A 152 -16.48 -5.74 1.02
CA VAL A 152 -15.32 -6.59 1.27
C VAL A 152 -14.50 -6.69 -0.01
N GLU A 153 -13.22 -6.33 0.07
CA GLU A 153 -12.33 -6.43 -1.09
C GLU A 153 -11.46 -7.69 -1.03
N PRO A 154 -10.85 -8.07 -2.16
CA PRO A 154 -10.00 -9.27 -2.07
C PRO A 154 -8.69 -8.87 -1.38
N ASP A 155 -7.95 -9.85 -0.85
CA ASP A 155 -6.66 -9.61 -0.21
C ASP A 155 -6.71 -8.80 1.08
N ILE A 156 -7.83 -8.96 1.80
CA ILE A 156 -8.11 -8.29 3.07
C ILE A 156 -7.87 -9.27 4.23
N LYS A 157 -7.68 -8.74 5.44
CA LYS A 157 -7.53 -9.59 6.62
C LYS A 157 -8.46 -9.01 7.67
N LEU A 158 -9.06 -9.87 8.49
CA LEU A 158 -9.85 -9.41 9.65
C LEU A 158 -8.96 -10.00 10.75
N TYR A 159 -8.31 -9.13 11.50
CA TYR A 159 -7.38 -9.53 12.54
C TYR A 159 -7.96 -10.06 13.85
N CYS A 160 -9.22 -9.76 14.11
CA CYS A 160 -9.84 -10.17 15.37
C CYS A 160 -11.19 -10.80 15.20
N ASP A 161 -11.65 -11.48 16.25
CA ASP A 161 -12.98 -12.07 16.22
C ASP A 161 -13.92 -10.88 16.38
N ILE A 162 -15.12 -10.99 15.85
CA ILE A 162 -16.12 -9.95 15.99
C ILE A 162 -17.25 -10.78 16.60
N ASN A 163 -17.51 -10.56 17.88
CA ASN A 163 -18.52 -11.35 18.56
C ASN A 163 -19.92 -10.75 18.71
N TYR A 164 -20.26 -9.85 17.82
CA TYR A 164 -21.60 -9.28 17.82
C TYR A 164 -21.99 -9.00 16.38
N ASP A 165 -23.30 -8.95 16.13
CA ASP A 165 -23.83 -8.69 14.80
C ASP A 165 -23.61 -7.17 14.56
N VAL A 166 -22.78 -6.82 13.58
CA VAL A 166 -22.48 -5.42 13.28
C VAL A 166 -23.68 -4.67 12.65
N PHE A 167 -24.41 -5.34 11.76
CA PHE A 167 -25.59 -4.72 11.12
C PHE A 167 -26.69 -4.47 12.18
N LYS A 168 -26.86 -5.41 13.11
CA LYS A 168 -27.85 -5.29 14.17
C LYS A 168 -27.45 -4.12 15.05
N TRP A 169 -26.14 -4.01 15.29
CA TRP A 169 -25.62 -2.95 16.10
C TRP A 169 -25.84 -1.54 15.47
N MET A 170 -25.60 -1.42 14.16
CA MET A 170 -25.79 -0.14 13.43
C MET A 170 -27.28 0.26 13.49
N GLN A 171 -28.14 -0.73 13.29
CA GLN A 171 -29.59 -0.54 13.32
C GLN A 171 -30.06 -0.09 14.71
N GLU A 172 -29.55 -0.71 15.76
CA GLU A 172 -29.94 -0.35 17.13
C GLU A 172 -29.42 1.01 17.58
N ASN A 173 -28.23 1.35 17.10
CA ASN A 173 -27.63 2.60 17.49
C ASN A 173 -27.84 3.70 16.46
N GLU A 174 -28.70 3.42 15.48
CA GLU A 174 -29.02 4.38 14.44
C GLU A 174 -27.78 5.06 13.83
N LYS A 175 -26.82 4.25 13.40
CA LYS A 175 -25.63 4.78 12.73
C LYS A 175 -25.86 4.52 11.23
N VAL A 176 -25.38 5.43 10.39
CA VAL A 176 -25.55 5.35 8.95
C VAL A 176 -24.31 4.90 8.18
N TYR A 177 -23.14 5.38 8.59
CA TYR A 177 -21.93 5.06 7.85
C TYR A 177 -20.83 4.65 8.82
N GLY A 178 -20.30 3.43 8.65
CA GLY A 178 -19.26 2.92 9.53
C GLY A 178 -17.98 2.61 8.77
N PHE A 179 -16.83 2.95 9.34
CA PHE A 179 -15.56 2.74 8.64
C PHE A 179 -14.43 2.36 9.61
N THR A 180 -13.27 1.97 9.07
CA THR A 180 -12.12 1.65 9.92
C THR A 180 -10.97 2.61 9.55
N VAL A 181 -10.35 2.43 8.39
CA VAL A 181 -9.25 3.28 7.97
C VAL A 181 -9.66 4.61 7.33
N SER A 182 -8.85 5.65 7.55
CA SER A 182 -9.07 6.97 6.95
C SER A 182 -7.70 7.44 6.46
N ILE A 183 -7.66 8.37 5.49
CA ILE A 183 -6.35 8.79 4.99
C ILE A 183 -6.48 10.03 4.13
N HIS A 184 -5.35 10.69 3.88
CA HIS A 184 -5.36 11.87 3.02
C HIS A 184 -5.19 11.41 1.58
N GLU A 185 -6.06 11.92 0.70
CA GLU A 185 -6.05 11.58 -0.71
C GLU A 185 -4.90 12.32 -1.41
N TYR A 186 -4.43 11.79 -2.53
CA TYR A 186 -3.38 12.45 -3.31
C TYR A 186 -4.15 13.50 -4.11
N GLU A 187 -3.88 14.77 -3.85
CA GLU A 187 -4.62 15.84 -4.53
C GLU A 187 -4.56 15.82 -6.05
N VAL A 188 -3.43 15.39 -6.61
CA VAL A 188 -3.27 15.34 -8.06
C VAL A 188 -4.36 14.49 -8.68
N THR A 189 -4.97 13.65 -7.85
CA THR A 189 -6.03 12.73 -8.25
C THR A 189 -7.44 13.38 -8.30
N ILE A 190 -7.61 14.44 -7.53
CA ILE A 190 -8.90 15.11 -7.40
C ILE A 190 -8.80 16.64 -7.37
N PRO A 191 -8.03 17.25 -8.28
CA PRO A 191 -7.94 18.72 -8.22
C PRO A 191 -9.22 19.57 -8.20
N THR A 192 -10.27 19.16 -8.90
CA THR A 192 -11.50 19.96 -8.87
C THR A 192 -12.68 19.32 -8.12
N LEU A 193 -12.44 18.29 -7.30
CA LEU A 193 -13.55 17.64 -6.56
C LEU A 193 -14.15 18.55 -5.47
N TRP A 194 -13.30 19.25 -4.76
CA TRP A 194 -13.79 20.12 -3.66
C TRP A 194 -14.63 21.26 -4.19
N GLN A 195 -14.12 21.94 -5.21
CA GLN A 195 -14.82 23.05 -5.85
C GLN A 195 -16.19 22.59 -6.36
N THR A 196 -16.22 21.45 -7.03
CA THR A 196 -17.47 20.92 -7.55
C THR A 196 -18.43 20.63 -6.38
N SER A 197 -17.90 20.04 -5.33
CA SER A 197 -18.70 19.71 -4.15
C SER A 197 -19.22 20.96 -3.40
N MET A 198 -18.38 21.99 -3.29
CA MET A 198 -18.80 23.21 -2.60
C MET A 198 -19.84 23.98 -3.42
N ASP A 199 -19.73 23.94 -4.74
CA ASP A 199 -20.70 24.61 -5.60
C ASP A 199 -22.07 23.92 -5.46
N PHE A 200 -22.03 22.60 -5.33
CA PHE A 200 -23.25 21.81 -5.17
C PHE A 200 -23.98 22.20 -3.89
N ILE A 201 -23.23 22.37 -2.82
CA ILE A 201 -23.78 22.75 -1.52
C ILE A 201 -24.39 24.18 -1.57
N LYS A 202 -23.66 25.09 -2.18
CA LYS A 202 -24.12 26.47 -2.31
C LYS A 202 -25.43 26.54 -3.08
N LYS A 203 -25.57 25.64 -4.05
CA LYS A 203 -26.75 25.55 -4.87
C LYS A 203 -27.90 24.81 -4.17
N ASN A 204 -27.55 23.92 -3.24
CA ASN A 204 -28.52 23.09 -2.51
C ASN A 204 -28.27 23.17 -1.01
N PRO A 205 -28.36 24.38 -0.44
CA PRO A 205 -28.13 24.59 1.00
C PRO A 205 -28.90 23.64 1.92
N GLU A 206 -30.09 23.24 1.50
CA GLU A 206 -30.90 22.36 2.32
C GLU A 206 -30.21 21.00 2.54
N TYR A 207 -29.28 20.64 1.66
CA TYR A 207 -28.58 19.36 1.80
C TYR A 207 -27.46 19.32 2.80
N LEU A 208 -26.97 20.50 3.19
CA LEU A 208 -25.89 20.59 4.16
C LEU A 208 -26.53 20.47 5.55
N ASP A 209 -26.21 19.39 6.27
CA ASP A 209 -26.78 19.20 7.59
C ASP A 209 -26.19 20.20 8.56
N GLU A 210 -27.06 20.84 9.36
CA GLU A 210 -26.58 21.82 10.31
C GLU A 210 -25.59 21.29 11.35
N ASN A 211 -25.52 19.96 11.51
CA ASN A 211 -24.58 19.34 12.44
C ASN A 211 -23.62 18.41 11.70
N ASN A 212 -23.18 18.86 10.52
CA ASN A 212 -22.27 18.11 9.63
C ASN A 212 -20.86 17.92 10.20
N LEU A 213 -20.10 17.03 9.57
CA LEU A 213 -18.72 16.76 9.99
C LEU A 213 -17.74 17.50 9.07
N MET A 214 -18.03 18.75 8.73
CA MET A 214 -17.16 19.53 7.87
C MET A 214 -15.74 19.63 8.44
N SER A 215 -15.63 19.65 9.78
CA SER A 215 -14.32 19.74 10.46
C SER A 215 -13.34 18.66 10.12
N PHE A 216 -13.87 17.51 9.72
CA PHE A 216 -13.03 16.37 9.35
C PHE A 216 -12.45 16.63 7.94
N LEU A 217 -13.28 17.21 7.07
CA LEU A 217 -12.89 17.50 5.67
C LEU A 217 -12.10 18.78 5.45
N SER A 218 -12.18 19.72 6.40
CA SER A 218 -11.53 21.00 6.20
C SER A 218 -11.11 21.68 7.51
N ASN A 219 -9.95 22.31 7.47
CA ASN A 219 -9.37 23.03 8.61
C ASN A 219 -9.73 24.52 8.52
N ASP A 220 -10.29 24.97 7.40
CA ASP A 220 -10.62 26.38 7.25
C ASP A 220 -12.10 26.68 7.00
N ASN A 221 -12.97 25.99 7.73
CA ASN A 221 -14.41 26.15 7.61
C ASN A 221 -14.93 25.97 6.20
N GLY A 222 -14.35 25.01 5.47
CA GLY A 222 -14.83 24.72 4.13
C GLY A 222 -14.17 25.43 2.96
N LYS A 223 -13.36 26.45 3.22
CA LYS A 223 -12.72 27.13 2.10
C LYS A 223 -11.93 26.12 1.26
N THR A 224 -11.11 25.31 1.92
CA THR A 224 -10.32 24.29 1.21
C THR A 224 -10.46 22.90 1.85
N TYR A 225 -10.17 21.89 1.03
CA TYR A 225 -10.22 20.49 1.45
C TYR A 225 -8.86 20.07 2.05
N ASN A 226 -8.87 19.45 3.24
CA ASN A 226 -7.63 18.99 3.84
C ASN A 226 -7.27 17.60 3.28
N LEU A 227 -8.11 17.09 2.39
CA LEU A 227 -7.94 15.80 1.69
C LEU A 227 -8.31 14.55 2.49
N CYS A 228 -8.73 14.71 3.73
CA CYS A 228 -9.11 13.57 4.55
C CYS A 228 -10.35 12.86 4.04
N HIS A 229 -10.33 11.53 4.10
CA HIS A 229 -11.50 10.77 3.68
C HIS A 229 -11.46 9.39 4.34
N PHE A 230 -12.63 8.74 4.38
CA PHE A 230 -12.76 7.39 4.91
C PHE A 230 -12.36 6.45 3.76
N TRP A 231 -11.54 5.45 4.07
CA TRP A 231 -11.06 4.50 3.05
C TRP A 231 -12.15 3.49 2.75
N SER A 232 -12.85 3.74 1.65
CA SER A 232 -14.01 2.94 1.25
C SER A 232 -13.88 1.42 1.04
N ASN A 233 -12.66 0.87 0.91
CA ASN A 233 -12.55 -0.58 0.73
C ASN A 233 -13.27 -1.23 1.90
N PHE A 234 -13.31 -0.53 3.04
CA PHE A 234 -14.05 -1.02 4.20
C PHE A 234 -15.20 -0.05 4.47
N GLU A 235 -16.43 -0.53 4.31
CA GLU A 235 -17.63 0.24 4.56
C GLU A 235 -18.73 -0.67 5.03
N ILE A 236 -19.43 -0.25 6.09
CA ILE A 236 -20.59 -0.96 6.60
C ILE A 236 -21.50 0.25 6.71
N ALA A 237 -22.44 0.37 5.80
CA ALA A 237 -23.29 1.54 5.81
C ALA A 237 -24.71 1.26 5.35
N ASN A 238 -25.54 2.29 5.45
CA ASN A 238 -26.95 2.18 5.08
C ASN A 238 -27.17 2.63 3.62
N LEU A 239 -27.70 1.72 2.81
CA LEU A 239 -27.95 1.97 1.40
C LEU A 239 -28.85 3.16 1.15
N ASN A 240 -29.68 3.48 2.14
CA ASN A 240 -30.59 4.59 1.96
C ASN A 240 -29.96 5.95 1.91
N LEU A 241 -28.70 6.04 2.35
CA LEU A 241 -27.98 7.30 2.25
C LEU A 241 -27.73 7.55 0.75
N TRP A 242 -27.17 6.57 0.05
CA TRP A 242 -26.86 6.73 -1.36
C TRP A 242 -28.14 6.90 -2.22
N ARG A 243 -29.24 6.31 -1.77
CA ARG A 243 -30.53 6.42 -2.49
C ARG A 243 -31.24 7.73 -2.24
N SER A 244 -30.75 8.52 -1.30
CA SER A 244 -31.41 9.79 -0.97
C SER A 244 -31.30 10.82 -2.09
N PRO A 245 -32.25 11.77 -2.15
CA PRO A 245 -32.21 12.79 -3.19
C PRO A 245 -30.88 13.52 -3.15
N ALA A 246 -30.44 13.85 -1.93
CA ALA A 246 -29.17 14.56 -1.78
C ALA A 246 -28.00 13.87 -2.48
N TYR A 247 -27.82 12.58 -2.21
CA TYR A 247 -26.69 11.89 -2.83
C TYR A 247 -26.87 11.64 -4.32
N ARG A 248 -28.08 11.25 -4.72
CA ARG A 248 -28.36 11.02 -6.12
C ARG A 248 -28.00 12.26 -6.93
N GLU A 249 -28.42 13.43 -6.44
CA GLU A 249 -28.14 14.71 -7.12
C GLU A 249 -26.65 15.08 -7.02
N TYR A 250 -26.02 14.73 -5.91
CA TYR A 250 -24.59 15.00 -5.77
C TYR A 250 -23.83 14.15 -6.82
N PHE A 251 -24.11 12.85 -6.88
CA PHE A 251 -23.42 12.01 -7.87
C PHE A 251 -23.61 12.52 -9.29
N ASP A 252 -24.86 12.79 -9.62
CA ASP A 252 -25.22 13.27 -10.94
C ASP A 252 -24.39 14.52 -11.30
N THR A 253 -24.23 15.44 -10.34
CA THR A 253 -23.43 16.66 -10.54
C THR A 253 -21.96 16.30 -10.85
N LEU A 254 -21.39 15.40 -10.04
CA LEU A 254 -20.00 14.95 -10.22
C LEU A 254 -19.83 14.26 -11.56
N ASP A 255 -20.82 13.45 -11.91
CA ASP A 255 -20.81 12.69 -13.16
C ASP A 255 -20.81 13.65 -14.34
N HIS A 256 -21.59 14.72 -14.21
CA HIS A 256 -21.66 15.71 -15.28
C HIS A 256 -20.42 16.61 -15.37
N GLN A 257 -19.75 16.84 -14.24
CA GLN A 257 -18.53 17.66 -14.25
C GLN A 257 -17.41 16.96 -15.03
N GLY A 258 -17.32 15.63 -14.89
CA GLY A 258 -16.32 14.85 -15.63
C GLY A 258 -15.10 14.32 -14.93
N GLY A 259 -14.95 14.65 -13.65
CA GLY A 259 -13.79 14.24 -12.86
C GLY A 259 -13.46 12.76 -12.76
N PHE A 260 -14.46 11.89 -12.84
CA PHE A 260 -14.17 10.46 -12.78
C PHE A 260 -13.28 10.06 -13.97
N PHE A 261 -13.40 10.79 -15.07
CA PHE A 261 -12.61 10.47 -16.27
C PHE A 261 -11.52 11.49 -16.62
N TYR A 262 -11.77 12.78 -16.36
CA TYR A 262 -10.78 13.81 -16.67
C TYR A 262 -9.71 13.96 -15.57
N GLU A 263 -9.98 13.37 -14.42
CA GLU A 263 -9.01 13.36 -13.32
C GLU A 263 -8.99 11.89 -12.93
N ARG A 264 -9.09 11.55 -11.65
CA ARG A 264 -9.15 10.13 -11.26
C ARG A 264 -9.84 10.07 -9.89
N TRP A 265 -11.02 10.69 -9.84
CA TRP A 265 -11.82 10.77 -8.61
C TRP A 265 -12.14 9.40 -8.05
N GLY A 266 -11.72 9.14 -6.81
CA GLY A 266 -12.01 7.85 -6.20
C GLY A 266 -13.38 7.87 -5.52
N ASP A 267 -14.00 6.70 -5.35
CA ASP A 267 -15.30 6.67 -4.68
C ASP A 267 -15.13 6.97 -3.19
N ALA A 268 -13.92 6.80 -2.65
CA ALA A 268 -13.66 7.03 -1.23
C ALA A 268 -13.83 8.52 -0.85
N PRO A 269 -13.16 9.44 -1.56
CA PRO A 269 -13.38 10.83 -1.15
C PRO A 269 -14.80 11.27 -1.51
N VAL A 270 -15.35 10.69 -2.57
CA VAL A 270 -16.71 11.05 -2.95
C VAL A 270 -17.73 10.61 -1.88
N HIS A 271 -17.64 9.35 -1.44
CA HIS A 271 -18.55 8.81 -0.41
C HIS A 271 -18.39 9.60 0.88
N SER A 272 -17.15 9.95 1.19
CA SER A 272 -16.81 10.67 2.42
C SER A 272 -17.30 12.10 2.49
N ILE A 273 -17.16 12.82 1.39
CA ILE A 273 -17.61 14.22 1.36
C ILE A 273 -19.14 14.23 1.60
N ALA A 274 -19.83 13.28 0.98
CA ALA A 274 -21.28 13.14 1.09
C ALA A 274 -21.70 12.81 2.49
N ALA A 275 -21.08 11.78 3.05
CA ALA A 275 -21.42 11.35 4.40
C ALA A 275 -21.13 12.45 5.43
N ALA A 276 -20.00 13.13 5.29
CA ALA A 276 -19.64 14.19 6.23
C ALA A 276 -20.46 15.47 6.10
N LEU A 277 -21.04 15.70 4.92
CA LEU A 277 -21.80 16.92 4.72
C LEU A 277 -23.34 16.78 4.75
N PHE A 278 -23.83 15.64 4.30
CA PHE A 278 -25.28 15.42 4.21
C PHE A 278 -25.94 14.82 5.46
N LEU A 279 -25.12 14.30 6.38
CA LEU A 279 -25.62 13.71 7.61
C LEU A 279 -25.23 14.41 8.90
N PRO A 280 -26.03 14.20 9.97
CA PRO A 280 -25.72 14.80 11.27
C PRO A 280 -24.48 13.96 11.59
N LYS A 281 -23.43 14.57 12.11
CA LYS A 281 -22.19 13.82 12.34
C LYS A 281 -22.27 12.60 13.24
N ASP A 282 -23.26 12.56 14.15
CA ASP A 282 -23.36 11.39 15.02
C ASP A 282 -23.93 10.16 14.33
N LYS A 283 -24.14 10.27 13.01
CA LYS A 283 -24.62 9.13 12.23
C LYS A 283 -23.41 8.37 11.65
N ILE A 284 -22.21 8.95 11.79
CA ILE A 284 -20.97 8.34 11.27
C ILE A 284 -20.25 7.65 12.43
N HIS A 285 -19.77 6.44 12.18
CA HIS A 285 -19.12 5.64 13.21
C HIS A 285 -17.79 4.97 12.82
N TYR A 286 -16.80 5.14 13.66
CA TYR A 286 -15.48 4.54 13.49
C TYR A 286 -15.41 3.24 14.29
N PHE A 287 -15.18 2.12 13.63
CA PHE A 287 -15.07 0.84 14.36
C PHE A 287 -13.67 0.68 14.94
N SER A 288 -13.43 1.28 16.11
CA SER A 288 -12.12 1.18 16.74
C SER A 288 -11.82 -0.28 17.14
N ASP A 289 -12.86 -1.10 17.21
CA ASP A 289 -12.71 -2.49 17.64
C ASP A 289 -12.56 -3.55 16.56
N ILE A 290 -12.68 -3.17 15.30
CA ILE A 290 -12.58 -4.17 14.23
C ILE A 290 -11.20 -4.16 13.62
N GLY A 291 -10.48 -5.28 13.79
CA GLY A 291 -9.14 -5.41 13.24
C GLY A 291 -9.25 -5.62 11.75
N TYR A 292 -8.57 -4.79 10.97
CA TYR A 292 -8.67 -4.88 9.52
C TYR A 292 -7.41 -4.50 8.76
N HIS A 293 -7.13 -5.22 7.68
CA HIS A 293 -6.00 -4.88 6.83
C HIS A 293 -6.42 -4.88 5.37
N HIS A 294 -6.16 -3.79 4.67
CA HIS A 294 -6.34 -3.73 3.22
C HIS A 294 -4.98 -3.16 2.85
N PRO A 295 -4.19 -3.86 2.02
CA PRO A 295 -2.86 -3.35 1.66
C PRO A 295 -2.90 -1.86 1.28
N PRO A 296 -2.04 -1.02 1.88
CA PRO A 296 -1.00 -1.29 2.88
C PRO A 296 -1.28 -0.82 4.31
N TYR A 297 -2.54 -0.60 4.66
CA TYR A 297 -2.86 -0.08 6.00
C TYR A 297 -3.67 -0.98 6.91
N ASP A 298 -3.40 -0.86 8.21
CA ASP A 298 -4.10 -1.64 9.23
C ASP A 298 -4.92 -0.75 10.15
N ASN A 299 -6.00 -1.33 10.66
CA ASN A 299 -6.78 -0.74 11.73
C ASN A 299 -6.59 -1.89 12.76
N CYS A 300 -5.90 -1.62 13.86
CA CYS A 300 -5.64 -2.64 14.89
C CYS A 300 -6.10 -2.05 16.24
N PRO A 301 -7.06 -2.71 16.90
CA PRO A 301 -7.59 -2.25 18.19
C PRO A 301 -6.52 -1.92 19.21
N LEU A 302 -6.53 -0.68 19.67
CA LEU A 302 -5.56 -0.22 20.64
C LEU A 302 -5.95 -0.58 22.07
N ASP A 303 -7.24 -0.84 22.28
CA ASP A 303 -7.68 -1.20 23.62
C ASP A 303 -7.29 -2.65 23.95
N LYS A 304 -6.43 -2.81 24.97
CA LYS A 304 -5.94 -4.11 25.39
C LYS A 304 -7.02 -5.16 25.63
N GLU A 305 -8.09 -4.76 26.30
CA GLU A 305 -9.20 -5.67 26.58
C GLU A 305 -9.83 -6.15 25.29
N VAL A 306 -10.18 -5.19 24.43
CA VAL A 306 -10.79 -5.52 23.15
C VAL A 306 -9.81 -6.38 22.35
N TYR A 307 -8.56 -5.97 22.32
CA TYR A 307 -7.53 -6.71 21.59
C TYR A 307 -7.38 -8.16 22.10
N ASN A 308 -7.22 -8.32 23.41
CA ASN A 308 -7.06 -9.66 24.00
C ASN A 308 -8.35 -10.50 23.95
N SER A 309 -9.48 -9.89 24.27
CA SER A 309 -10.76 -10.61 24.27
C SER A 309 -11.17 -11.14 22.90
N ASN A 310 -10.75 -10.44 21.85
CA ASN A 310 -11.11 -10.86 20.51
C ASN A 310 -9.97 -11.52 19.74
N ASN A 311 -8.94 -11.93 20.48
CA ASN A 311 -7.78 -12.64 19.91
C ASN A 311 -7.22 -12.03 18.64
N CYS A 312 -6.97 -10.72 18.68
CA CYS A 312 -6.44 -10.04 17.50
C CYS A 312 -5.07 -10.57 17.12
N GLU A 313 -4.83 -10.62 15.81
CA GLU A 313 -3.58 -11.13 15.27
C GLU A 313 -2.64 -10.05 14.72
N CYS A 314 -3.01 -8.78 14.90
CA CYS A 314 -2.20 -7.68 14.39
C CYS A 314 -1.25 -7.05 15.40
N ASP A 315 -0.32 -6.27 14.89
CA ASP A 315 0.64 -5.57 15.72
C ASP A 315 0.01 -4.21 16.01
N GLN A 316 -0.36 -3.97 17.26
CA GLN A 316 -0.99 -2.71 17.61
C GLN A 316 -0.18 -1.52 17.17
N GLY A 317 1.14 -1.63 17.31
CA GLY A 317 1.99 -0.53 16.89
C GLY A 317 1.89 -0.17 15.42
N ASN A 318 1.24 -1.02 14.62
CA ASN A 318 1.07 -0.72 13.20
C ASN A 318 -0.31 -0.16 12.85
N ASP A 319 -1.11 0.13 13.87
CA ASP A 319 -2.43 0.72 13.63
C ASP A 319 -2.14 2.04 12.89
N PHE A 320 -2.83 2.29 11.77
CA PHE A 320 -2.62 3.50 10.98
C PHE A 320 -3.37 4.72 11.52
N THR A 321 -4.48 4.47 12.20
CA THR A 321 -5.35 5.53 12.75
C THR A 321 -4.69 6.87 13.14
N PHE A 322 -3.72 6.83 14.05
CA PHE A 322 -3.08 8.06 14.48
C PHE A 322 -1.78 8.43 13.83
N GLN A 323 -1.42 7.71 12.76
CA GLN A 323 -0.22 8.10 12.03
C GLN A 323 -0.55 9.42 11.34
N GLY A 324 0.49 10.25 11.11
CA GLY A 324 0.28 11.56 10.51
C GLY A 324 -0.44 11.61 9.17
N TYR A 325 -0.18 10.65 8.31
CA TYR A 325 -0.82 10.65 7.02
C TYR A 325 -2.23 10.04 7.07
N SER A 326 -2.59 9.43 8.19
CA SER A 326 -3.94 8.89 8.37
C SER A 326 -4.79 10.10 8.81
N CYS A 327 -6.11 9.94 8.99
CA CYS A 327 -6.94 11.07 9.42
C CYS A 327 -7.70 10.75 10.69
N GLY A 328 -7.14 9.85 11.48
CA GLY A 328 -7.74 9.47 12.74
C GLY A 328 -7.79 10.66 13.67
N LYS A 329 -6.68 11.40 13.79
CA LYS A 329 -6.66 12.57 14.67
C LYS A 329 -7.76 13.58 14.28
N GLU A 330 -7.83 13.90 13.00
CA GLU A 330 -8.83 14.83 12.48
C GLU A 330 -10.24 14.32 12.77
N TYR A 331 -10.43 13.01 12.66
CA TYR A 331 -11.75 12.42 12.89
C TYR A 331 -12.13 12.50 14.37
N TYR A 332 -11.20 12.12 15.23
CA TYR A 332 -11.46 12.15 16.67
C TYR A 332 -11.75 13.57 17.16
N ASP A 333 -10.96 14.53 16.69
CA ASP A 333 -11.17 15.90 17.13
C ASP A 333 -12.49 16.48 16.60
N ALA A 334 -12.84 16.15 15.36
CA ALA A 334 -14.10 16.63 14.78
C ALA A 334 -15.32 15.99 15.50
N GLN A 335 -15.13 14.80 16.04
CA GLN A 335 -16.22 14.13 16.74
C GLN A 335 -16.22 14.35 18.25
N GLY A 336 -15.19 15.01 18.77
CA GLY A 336 -15.10 15.22 20.21
C GLY A 336 -14.82 13.92 20.94
N LEU A 337 -14.21 12.96 20.25
CA LEU A 337 -13.87 11.69 20.87
C LEU A 337 -12.54 11.78 21.59
N VAL A 338 -12.44 11.12 22.75
CA VAL A 338 -11.20 11.12 23.52
C VAL A 338 -10.21 10.17 22.83
N LYS A 339 -9.05 10.67 22.44
CA LYS A 339 -8.05 9.84 21.76
C LYS A 339 -7.31 8.96 22.77
N PRO A 340 -6.83 7.78 22.33
CA PRO A 340 -6.11 6.93 23.27
C PRO A 340 -4.86 7.62 23.79
N LYS A 341 -4.59 7.40 25.07
CA LYS A 341 -3.46 7.98 25.79
C LYS A 341 -2.12 8.11 25.04
N ASN A 342 -1.69 7.07 24.36
CA ASN A 342 -0.41 7.15 23.67
C ASN A 342 -0.52 7.44 22.17
N TRP A 343 -1.61 8.09 21.76
CA TRP A 343 -1.80 8.40 20.34
C TRP A 343 -0.59 9.06 19.64
N LYS A 344 0.10 9.95 20.35
CA LYS A 344 1.27 10.64 19.80
C LYS A 344 2.42 9.69 19.42
N LYS A 345 2.47 8.51 20.06
CA LYS A 345 3.54 7.55 19.78
C LYS A 345 3.53 7.15 18.31
N PHE A 346 2.36 7.23 17.72
CA PHE A 346 2.18 6.89 16.33
C PHE A 346 2.71 7.96 15.37
N ARG A 347 3.08 9.12 15.90
CA ARG A 347 3.59 10.20 15.07
C ARG A 347 5.11 10.32 15.14
N GLU A 348 5.78 9.30 15.69
CA GLU A 348 7.23 9.33 15.84
C GLU A 348 8.03 9.06 14.58
N THR B 9 44.41 1.32 -12.33
CA THR B 9 43.34 1.86 -11.42
C THR B 9 42.25 0.81 -11.16
N LYS B 10 42.02 0.50 -9.89
CA LYS B 10 41.02 -0.48 -9.46
C LYS B 10 39.61 0.11 -9.66
N THR B 11 38.73 -0.67 -10.26
CA THR B 11 37.36 -0.20 -10.53
C THR B 11 36.36 -0.78 -9.55
N THR B 12 35.14 -0.25 -9.58
CA THR B 12 34.07 -0.75 -8.71
C THR B 12 33.93 -2.28 -8.81
N MET B 13 33.89 -2.81 -10.03
CA MET B 13 33.75 -4.25 -10.20
C MET B 13 34.92 -5.05 -9.62
N ASP B 14 36.12 -4.46 -9.56
CA ASP B 14 37.28 -5.15 -8.99
C ASP B 14 37.06 -5.39 -7.48
N TYR B 15 36.16 -4.62 -6.89
CA TYR B 15 35.90 -4.84 -5.47
C TYR B 15 34.90 -5.96 -5.27
N ILE B 16 34.24 -6.35 -6.36
CA ILE B 16 33.19 -7.36 -6.27
C ILE B 16 33.51 -8.72 -6.88
N THR B 17 34.22 -8.74 -8.00
CA THR B 17 34.52 -10.00 -8.67
C THR B 17 35.19 -11.07 -7.80
N PRO B 18 36.02 -10.68 -6.84
CA PRO B 18 36.62 -11.77 -6.05
C PRO B 18 35.57 -12.59 -5.31
N SER B 19 34.41 -11.99 -5.03
CA SER B 19 33.38 -12.74 -4.33
C SER B 19 32.67 -13.66 -5.31
N PHE B 20 32.95 -13.54 -6.59
CA PHE B 20 32.33 -14.42 -7.57
C PHE B 20 33.09 -15.75 -7.66
N LYS B 26 29.73 -23.01 -0.53
CA LYS B 26 28.51 -22.17 -0.33
C LYS B 26 28.89 -20.69 -0.18
N PRO B 27 28.09 -19.79 -0.79
CA PRO B 27 28.42 -18.36 -0.65
C PRO B 27 28.31 -17.92 0.81
N LYS B 28 29.06 -16.89 1.18
CA LYS B 28 28.97 -16.35 2.54
C LYS B 28 27.80 -15.38 2.43
N ALA B 29 26.61 -15.86 2.80
CA ALA B 29 25.39 -15.08 2.70
C ALA B 29 24.48 -15.16 3.91
N CYS B 30 23.55 -14.20 3.99
CA CYS B 30 22.60 -14.14 5.09
C CYS B 30 21.31 -13.38 4.73
N TYR B 31 20.27 -13.58 5.53
CA TYR B 31 19.02 -12.82 5.37
C TYR B 31 19.32 -11.69 6.36
N VAL B 32 18.76 -10.51 6.14
CA VAL B 32 18.95 -9.42 7.09
C VAL B 32 17.63 -8.69 7.26
N THR B 33 17.28 -8.38 8.50
CA THR B 33 16.03 -7.68 8.81
C THR B 33 16.26 -6.55 9.82
N LEU B 34 15.66 -5.39 9.56
CA LEU B 34 15.74 -4.24 10.47
C LEU B 34 14.30 -4.26 11.00
N VAL B 35 14.11 -4.41 12.30
CA VAL B 35 12.75 -4.48 12.80
C VAL B 35 12.62 -3.91 14.20
N ARG B 36 11.40 -3.62 14.62
CA ARG B 36 11.16 -3.10 15.95
C ARG B 36 10.40 -4.12 16.77
N ASN B 37 10.55 -4.08 18.09
CA ASN B 37 9.87 -5.03 18.96
C ASN B 37 8.34 -5.07 18.72
N LYS B 38 7.77 -3.92 18.38
CA LYS B 38 6.33 -3.83 18.16
C LYS B 38 5.80 -4.56 16.89
N GLU B 39 6.68 -5.09 16.05
CA GLU B 39 6.25 -5.76 14.81
C GLU B 39 6.46 -7.27 14.87
N LEU B 40 6.50 -7.84 16.06
CA LEU B 40 6.74 -9.27 16.19
C LEU B 40 5.77 -10.16 15.41
N LYS B 41 4.47 -9.91 15.46
CA LYS B 41 3.58 -10.80 14.73
C LYS B 41 3.80 -10.75 13.22
N GLY B 42 4.04 -9.56 12.67
CA GLY B 42 4.28 -9.45 11.24
C GLY B 42 5.59 -10.11 10.84
N LEU B 43 6.59 -10.02 11.71
CA LEU B 43 7.89 -10.62 11.44
C LEU B 43 7.76 -12.15 11.48
N LEU B 44 7.10 -12.70 12.49
CA LEU B 44 6.94 -14.16 12.57
C LEU B 44 6.23 -14.68 11.34
N SER B 45 5.28 -13.89 10.83
CA SER B 45 4.55 -14.30 9.64
C SER B 45 5.54 -14.37 8.45
N SER B 46 6.34 -13.31 8.28
CA SER B 46 7.35 -13.28 7.22
C SER B 46 8.30 -14.51 7.38
N ILE B 47 8.73 -14.79 8.61
CA ILE B 47 9.64 -15.92 8.86
C ILE B 47 9.01 -17.23 8.40
N LYS B 48 7.73 -17.44 8.72
CA LYS B 48 7.04 -18.65 8.33
C LYS B 48 7.09 -18.81 6.81
N TYR B 49 6.87 -17.71 6.09
CA TYR B 49 6.94 -17.76 4.64
C TYR B 49 8.35 -18.13 4.16
N VAL B 50 9.37 -17.43 4.63
CA VAL B 50 10.73 -17.72 4.21
C VAL B 50 11.13 -19.19 4.50
N GLU B 51 10.77 -19.66 5.68
CA GLU B 51 11.05 -21.04 6.10
C GLU B 51 10.40 -22.02 5.16
N ASN B 52 9.09 -21.85 4.95
CA ASN B 52 8.35 -22.75 4.10
C ASN B 52 8.77 -22.75 2.63
N LYS B 53 9.09 -21.57 2.09
CA LYS B 53 9.43 -21.52 0.67
C LYS B 53 10.89 -21.72 0.26
N ILE B 54 11.84 -21.57 1.18
CA ILE B 54 13.24 -21.77 0.80
C ILE B 54 14.22 -22.07 1.91
N ASN B 55 14.02 -21.51 3.11
CA ASN B 55 15.01 -21.74 4.15
C ASN B 55 15.20 -23.16 4.71
N LYS B 56 14.16 -23.97 4.79
CA LYS B 56 14.43 -25.29 5.32
C LYS B 56 15.21 -26.12 4.30
N LYS B 57 15.02 -25.83 3.01
CA LYS B 57 15.72 -26.53 1.94
C LYS B 57 17.16 -25.99 1.73
N PHE B 58 17.32 -24.66 1.76
CA PHE B 58 18.65 -24.05 1.57
C PHE B 58 18.89 -23.09 2.72
N PRO B 59 19.29 -23.63 3.90
CA PRO B 59 19.52 -22.79 5.07
C PRO B 59 20.71 -21.84 5.00
N TYR B 60 20.46 -20.64 5.53
CA TYR B 60 21.45 -19.58 5.61
C TYR B 60 21.10 -18.84 6.89
N PRO B 61 22.11 -18.32 7.58
CA PRO B 61 21.96 -17.57 8.83
C PRO B 61 21.10 -16.32 8.60
N TRP B 62 20.39 -15.90 9.65
CA TRP B 62 19.47 -14.75 9.55
C TRP B 62 19.87 -13.71 10.59
N VAL B 63 20.22 -12.53 10.11
CA VAL B 63 20.62 -11.43 10.98
C VAL B 63 19.47 -10.48 11.23
N PHE B 64 19.22 -10.19 12.50
CA PHE B 64 18.15 -9.29 12.89
C PHE B 64 18.76 -8.06 13.56
N LEU B 65 18.44 -6.88 13.03
CA LEU B 65 18.96 -5.62 13.56
C LEU B 65 17.83 -4.76 14.11
N ASN B 66 18.13 -3.90 15.08
CA ASN B 66 17.11 -3.06 15.72
C ASN B 66 17.81 -1.86 16.38
N ASP B 67 17.21 -0.68 16.31
CA ASP B 67 17.83 0.49 16.90
C ASP B 67 17.70 0.49 18.42
N GLU B 68 16.89 -0.42 18.93
CA GLU B 68 16.66 -0.57 20.36
C GLU B 68 16.95 -2.03 20.68
N PRO B 69 17.13 -2.35 21.97
CA PRO B 69 17.39 -3.76 22.30
C PRO B 69 16.16 -4.63 22.05
N PHE B 70 16.37 -5.86 21.64
CA PHE B 70 15.25 -6.77 21.38
C PHE B 70 14.70 -7.28 22.72
N THR B 71 13.41 -7.57 22.79
CA THR B 71 12.84 -8.12 24.03
C THR B 71 13.16 -9.61 24.07
N GLU B 72 13.17 -10.19 25.27
CA GLU B 72 13.48 -11.61 25.42
C GLU B 72 12.39 -12.43 24.72
N GLU B 73 11.15 -11.97 24.85
CA GLU B 73 10.04 -12.66 24.19
C GLU B 73 10.28 -12.66 22.68
N PHE B 74 10.71 -11.53 22.16
CA PHE B 74 10.97 -11.39 20.73
C PHE B 74 12.04 -12.39 20.28
N LYS B 75 13.18 -12.38 20.95
CA LYS B 75 14.28 -13.28 20.58
C LYS B 75 13.89 -14.74 20.69
N GLU B 76 13.16 -15.09 21.75
CA GLU B 76 12.78 -16.47 21.91
C GLU B 76 11.88 -16.93 20.77
N ALA B 77 10.88 -16.12 20.45
CA ALA B 77 9.96 -16.49 19.38
C ALA B 77 10.69 -16.61 18.05
N VAL B 78 11.57 -15.65 17.78
CA VAL B 78 12.34 -15.64 16.54
C VAL B 78 13.30 -16.83 16.45
N THR B 79 14.02 -17.10 17.54
CA THR B 79 14.97 -18.22 17.54
C THR B 79 14.30 -19.54 17.20
N LYS B 80 13.11 -19.78 17.71
CA LYS B 80 12.45 -21.04 17.40
C LYS B 80 11.71 -21.07 16.07
N ALA B 81 11.30 -19.92 15.55
CA ALA B 81 10.59 -19.89 14.27
C ALA B 81 11.52 -20.09 13.09
N VAL B 82 12.78 -19.67 13.23
CA VAL B 82 13.80 -19.81 12.19
C VAL B 82 14.58 -21.13 12.37
N SER B 83 14.65 -21.95 11.32
CA SER B 83 15.35 -23.24 11.37
C SER B 83 16.89 -23.12 11.33
N SER B 84 17.40 -22.07 10.71
CA SER B 84 18.85 -21.89 10.64
C SER B 84 19.33 -21.02 11.78
N GLU B 85 20.63 -20.73 11.80
CA GLU B 85 21.18 -19.90 12.85
C GLU B 85 20.64 -18.46 12.80
N VAL B 86 20.32 -17.89 13.96
CA VAL B 86 19.83 -16.53 14.02
C VAL B 86 20.81 -15.69 14.84
N LYS B 87 20.94 -14.42 14.48
CA LYS B 87 21.81 -13.50 15.17
C LYS B 87 21.07 -12.18 15.40
N PHE B 88 21.16 -11.66 16.62
CA PHE B 88 20.52 -10.40 16.99
C PHE B 88 21.56 -9.34 17.22
N GLY B 89 21.34 -8.17 16.64
CA GLY B 89 22.28 -7.09 16.83
C GLY B 89 21.60 -5.74 17.03
N ILE B 90 22.18 -4.90 17.87
CA ILE B 90 21.64 -3.56 18.07
C ILE B 90 22.51 -2.62 17.23
N LEU B 91 21.90 -1.57 16.72
CA LEU B 91 22.59 -0.59 15.88
C LEU B 91 23.46 0.40 16.64
N PRO B 92 24.66 0.71 16.09
CA PRO B 92 25.56 1.68 16.73
C PRO B 92 24.76 2.97 16.84
N LYS B 93 24.88 3.69 17.95
CA LYS B 93 24.16 4.95 18.12
C LYS B 93 24.50 5.93 17.00
N GLU B 94 25.75 5.89 16.55
CA GLU B 94 26.21 6.80 15.50
C GLU B 94 25.61 6.50 14.12
N HIS B 95 24.91 5.38 13.98
CA HIS B 95 24.28 5.01 12.70
C HIS B 95 22.77 5.25 12.80
N TRP B 96 22.34 5.94 13.85
CA TRP B 96 20.91 6.20 14.04
C TRP B 96 20.73 7.42 14.94
N SER B 97 21.15 8.59 14.45
CA SER B 97 21.05 9.85 15.17
C SER B 97 21.45 10.94 14.17
N TYR B 98 21.10 12.19 14.47
CA TYR B 98 21.41 13.31 13.59
C TYR B 98 22.90 13.57 13.48
N PRO B 99 23.43 13.65 12.24
CA PRO B 99 24.86 13.92 12.21
C PRO B 99 25.04 15.35 12.72
N GLU B 100 26.21 15.70 13.18
CA GLU B 100 26.41 16.99 13.83
C GLU B 100 26.23 18.13 12.83
N TRP B 101 26.24 17.95 11.52
CA TRP B 101 26.05 19.03 10.56
C TRP B 101 24.61 19.29 10.11
N ILE B 102 23.66 18.50 10.61
CA ILE B 102 22.26 18.73 10.22
C ILE B 102 21.58 19.63 11.26
N ASN B 103 20.87 20.64 10.75
CA ASN B 103 20.14 21.60 11.57
C ASN B 103 18.84 20.95 12.03
N GLN B 104 18.78 20.51 13.29
CA GLN B 104 17.59 19.84 13.80
C GLN B 104 16.30 20.66 13.89
N THR B 105 16.39 21.97 14.13
CA THR B 105 15.16 22.76 14.21
C THR B 105 14.58 22.88 12.81
N LYS B 106 15.45 23.04 11.83
CA LYS B 106 15.00 23.11 10.45
C LYS B 106 14.34 21.78 10.07
N ALA B 107 14.95 20.67 10.50
CA ALA B 107 14.38 19.36 10.20
C ALA B 107 13.03 19.21 10.90
N ALA B 108 12.96 19.71 12.14
CA ALA B 108 11.74 19.63 12.93
C ALA B 108 10.62 20.39 12.24
N GLU B 109 10.95 21.54 11.67
CA GLU B 109 9.99 22.37 10.97
C GLU B 109 9.51 21.68 9.71
N ILE B 110 10.46 21.08 8.99
CA ILE B 110 10.15 20.36 7.76
C ILE B 110 9.18 19.20 8.05
N ARG B 111 9.41 18.47 9.13
CA ARG B 111 8.56 17.34 9.49
C ARG B 111 7.16 17.80 9.88
N ALA B 112 7.09 18.80 10.76
CA ALA B 112 5.81 19.31 11.24
C ALA B 112 4.96 19.78 10.08
N ASP B 113 5.63 20.38 9.10
CA ASP B 113 4.94 20.86 7.91
C ASP B 113 4.45 19.69 7.05
N ALA B 114 5.34 18.77 6.70
CA ALA B 114 5.00 17.66 5.83
C ALA B 114 4.15 16.55 6.45
N ALA B 115 3.90 16.62 7.75
CA ALA B 115 3.16 15.59 8.47
C ALA B 115 1.93 14.94 7.80
N THR B 116 1.08 15.77 7.21
CA THR B 116 -0.13 15.28 6.56
C THR B 116 -0.02 15.34 5.05
N LYS B 117 1.14 15.77 4.55
CA LYS B 117 1.37 15.93 3.11
C LYS B 117 1.77 14.70 2.31
N TYR B 118 2.48 13.76 2.93
CA TYR B 118 2.86 12.52 2.26
C TYR B 118 3.19 11.49 3.31
N ILE B 119 3.11 10.22 2.93
CA ILE B 119 3.38 9.14 3.86
C ILE B 119 4.73 9.32 4.59
N TYR B 120 4.70 9.22 5.93
CA TYR B 120 5.87 9.38 6.78
C TYR B 120 6.42 10.80 6.78
N GLY B 121 5.64 11.74 6.23
CA GLY B 121 6.11 13.11 6.18
C GLY B 121 6.56 13.71 7.51
N GLY B 122 5.85 13.40 8.58
CA GLY B 122 6.22 13.97 9.88
C GLY B 122 7.01 13.03 10.76
N SER B 123 7.47 11.92 10.21
CA SER B 123 8.17 10.96 11.03
C SER B 123 9.68 11.14 11.15
N GLU B 124 10.14 11.20 12.38
CA GLU B 124 11.55 11.32 12.63
C GLU B 124 12.21 9.95 12.44
N SER B 125 11.62 8.92 13.03
CA SER B 125 12.19 7.57 12.94
C SER B 125 12.30 7.04 11.50
N TYR B 126 11.35 7.36 10.64
CA TYR B 126 11.41 6.88 9.27
C TYR B 126 12.68 7.37 8.54
N ARG B 127 13.06 8.61 8.79
CA ARG B 127 14.22 9.18 8.12
C ARG B 127 15.52 8.51 8.59
N HIS B 128 15.62 8.22 9.89
CA HIS B 128 16.82 7.52 10.39
C HIS B 128 16.87 6.13 9.76
N MET B 129 15.70 5.54 9.52
CA MET B 129 15.61 4.20 8.92
C MET B 129 16.10 4.24 7.46
N CYS B 130 15.66 5.23 6.70
CA CYS B 130 16.07 5.35 5.30
C CYS B 130 17.58 5.62 5.22
N ARG B 131 18.09 6.41 6.15
CA ARG B 131 19.50 6.75 6.17
C ARG B 131 20.30 5.50 6.59
N TYR B 132 19.72 4.69 7.46
CA TYR B 132 20.40 3.48 7.91
C TYR B 132 20.52 2.43 6.79
N GLN B 133 19.42 2.20 6.08
CA GLN B 133 19.42 1.24 4.98
C GLN B 133 20.30 1.76 3.84
N SER B 134 20.42 3.07 3.73
CA SER B 134 21.25 3.65 2.67
C SER B 134 22.76 3.55 2.97
N GLY B 135 23.19 3.97 4.15
CA GLY B 135 24.62 3.94 4.40
C GLY B 135 25.21 3.12 5.52
N PHE B 136 24.40 2.44 6.32
CA PHE B 136 24.97 1.72 7.43
C PHE B 136 24.71 0.23 7.67
N PHE B 137 23.57 -0.30 7.24
CA PHE B 137 23.28 -1.72 7.51
C PHE B 137 24.42 -2.62 6.98
N TRP B 138 24.92 -2.29 5.79
CA TRP B 138 25.97 -3.10 5.18
C TRP B 138 27.32 -3.04 5.87
N ARG B 139 27.44 -2.21 6.92
CA ARG B 139 28.68 -2.10 7.68
C ARG B 139 28.41 -2.54 9.11
N HIS B 140 27.24 -3.12 9.38
CA HIS B 140 27.03 -3.58 10.75
C HIS B 140 28.02 -4.71 11.02
N GLU B 141 28.46 -4.81 12.27
CA GLU B 141 29.41 -5.87 12.69
C GLU B 141 29.03 -7.25 12.23
N LEU B 142 27.75 -7.59 12.42
CA LEU B 142 27.21 -8.90 12.06
C LEU B 142 27.26 -9.22 10.58
N LEU B 143 27.39 -8.21 9.72
CA LEU B 143 27.45 -8.48 8.28
C LEU B 143 28.84 -8.51 7.68
N GLU B 144 29.84 -8.13 8.47
CA GLU B 144 31.22 -8.13 8.00
C GLU B 144 31.68 -9.42 7.32
N GLU B 145 31.33 -10.56 7.90
CA GLU B 145 31.76 -11.83 7.35
C GLU B 145 31.06 -12.31 6.07
N TYR B 146 30.00 -11.62 5.66
CA TYR B 146 29.27 -12.04 4.49
C TYR B 146 29.56 -11.22 3.22
N ASP B 147 29.28 -11.82 2.07
CA ASP B 147 29.44 -11.15 0.79
C ASP B 147 28.05 -10.85 0.20
N TRP B 148 27.04 -11.57 0.66
CA TRP B 148 25.67 -11.41 0.15
C TRP B 148 24.60 -11.27 1.24
N TYR B 149 23.49 -10.60 0.93
CA TYR B 149 22.41 -10.48 1.88
C TYR B 149 21.07 -10.56 1.13
N TRP B 150 20.02 -10.91 1.87
CA TRP B 150 18.66 -11.02 1.35
C TRP B 150 17.82 -10.24 2.36
N ARG B 151 17.40 -9.03 2.00
CA ARG B 151 16.59 -8.22 2.92
C ARG B 151 15.15 -8.72 3.00
N VAL B 152 14.67 -8.94 4.23
CA VAL B 152 13.31 -9.42 4.46
C VAL B 152 12.62 -8.51 5.48
N GLU B 153 11.45 -8.00 5.11
CA GLU B 153 10.69 -7.10 5.95
C GLU B 153 9.53 -7.84 6.64
N PRO B 154 8.96 -7.26 7.71
CA PRO B 154 7.85 -7.95 8.34
C PRO B 154 6.62 -7.78 7.45
N ASP B 155 5.64 -8.68 7.63
CA ASP B 155 4.39 -8.66 6.88
C ASP B 155 4.56 -8.92 5.40
N ILE B 156 5.50 -9.79 5.06
CA ILE B 156 5.78 -10.17 3.68
C ILE B 156 5.20 -11.54 3.37
N LYS B 157 5.06 -11.83 2.08
CA LYS B 157 4.57 -13.14 1.67
C LYS B 157 5.51 -13.61 0.57
N LEU B 158 5.75 -14.91 0.49
CA LEU B 158 6.51 -15.51 -0.61
C LEU B 158 5.42 -16.43 -1.15
N TYR B 159 4.92 -16.12 -2.34
CA TYR B 159 3.81 -16.87 -2.93
C TYR B 159 4.13 -18.24 -3.47
N CYS B 160 5.40 -18.47 -3.76
CA CYS B 160 5.82 -19.73 -4.36
C CYS B 160 7.02 -20.36 -3.70
N ASP B 161 7.21 -21.65 -3.97
CA ASP B 161 8.38 -22.36 -3.46
C ASP B 161 9.52 -21.85 -4.30
N ILE B 162 10.72 -21.87 -3.74
CA ILE B 162 11.90 -21.47 -4.47
C ILE B 162 12.76 -22.72 -4.36
N ASN B 163 12.96 -23.38 -5.49
CA ASN B 163 13.69 -24.64 -5.53
C ASN B 163 15.15 -24.61 -5.90
N TYR B 164 15.81 -23.48 -5.71
CA TYR B 164 17.24 -23.41 -5.96
C TYR B 164 17.78 -22.45 -4.93
N ASP B 165 19.09 -22.54 -4.69
CA ASP B 165 19.77 -21.68 -3.73
C ASP B 165 19.98 -20.37 -4.50
N VAL B 166 19.31 -19.30 -4.08
CA VAL B 166 19.41 -18.02 -4.78
C VAL B 166 20.78 -17.34 -4.66
N PHE B 167 21.40 -17.41 -3.49
CA PHE B 167 22.72 -16.84 -3.29
C PHE B 167 23.71 -17.55 -4.21
N LYS B 168 23.67 -18.87 -4.21
CA LYS B 168 24.56 -19.65 -5.07
C LYS B 168 24.34 -19.25 -6.53
N TRP B 169 23.09 -19.07 -6.92
CA TRP B 169 22.76 -18.68 -8.29
C TRP B 169 23.37 -17.31 -8.64
N MET B 170 23.24 -16.35 -7.71
CA MET B 170 23.77 -15.01 -7.92
C MET B 170 25.27 -15.11 -8.16
N GLN B 171 25.95 -15.89 -7.31
CA GLN B 171 27.39 -16.08 -7.40
C GLN B 171 27.86 -16.68 -8.72
N GLU B 172 27.22 -17.77 -9.13
CA GLU B 172 27.59 -18.46 -10.35
C GLU B 172 27.26 -17.67 -11.60
N ASN B 173 26.25 -16.81 -11.50
CA ASN B 173 25.86 -16.01 -12.63
C ASN B 173 26.42 -14.61 -12.58
N GLU B 174 27.28 -14.37 -11.60
CA GLU B 174 27.93 -13.09 -11.40
C GLU B 174 27.02 -11.88 -11.44
N LYS B 175 25.92 -11.95 -10.68
CA LYS B 175 24.97 -10.85 -10.59
C LYS B 175 25.24 -10.13 -9.27
N VAL B 176 25.07 -8.81 -9.26
CA VAL B 176 25.33 -8.00 -8.06
C VAL B 176 24.09 -7.51 -7.31
N TYR B 177 23.04 -7.14 -8.05
CA TYR B 177 21.84 -6.59 -7.40
C TYR B 177 20.58 -7.27 -7.96
N GLY B 178 19.85 -7.96 -7.10
CA GLY B 178 18.62 -8.64 -7.54
C GLY B 178 17.37 -8.09 -6.86
N PHE B 179 16.31 -7.89 -7.63
CA PHE B 179 15.09 -7.33 -7.09
C PHE B 179 13.83 -7.97 -7.69
N THR B 180 12.66 -7.55 -7.21
CA THR B 180 11.39 -8.05 -7.75
C THR B 180 10.52 -6.85 -8.14
N VAL B 181 9.96 -6.15 -7.17
CA VAL B 181 9.12 -4.98 -7.44
C VAL B 181 9.92 -3.70 -7.70
N SER B 182 9.40 -2.88 -8.62
CA SER B 182 9.98 -1.57 -8.97
C SER B 182 8.77 -0.61 -9.01
N ILE B 183 9.00 0.68 -8.76
CA ILE B 183 7.91 1.66 -8.73
C ILE B 183 8.49 3.05 -8.98
N HIS B 184 7.61 3.99 -9.30
CA HIS B 184 7.99 5.41 -9.48
C HIS B 184 7.89 6.02 -8.09
N GLU B 185 8.89 6.81 -7.72
CA GLU B 185 8.91 7.47 -6.41
C GLU B 185 8.00 8.70 -6.41
N TYR B 186 7.50 9.10 -5.24
CA TYR B 186 6.70 10.32 -5.11
C TYR B 186 7.76 11.42 -5.11
N GLU B 187 7.78 12.26 -6.13
CA GLU B 187 8.81 13.27 -6.24
C GLU B 187 8.93 14.24 -5.07
N VAL B 188 7.82 14.52 -4.40
CA VAL B 188 7.83 15.44 -3.28
C VAL B 188 8.76 15.01 -2.14
N THR B 189 9.14 13.73 -2.08
CA THR B 189 10.05 13.22 -1.04
C THR B 189 11.54 13.38 -1.44
N ILE B 190 11.81 13.56 -2.74
CA ILE B 190 13.19 13.67 -3.22
C ILE B 190 13.43 14.78 -4.26
N PRO B 191 12.90 16.00 -4.01
CA PRO B 191 13.09 17.09 -4.98
C PRO B 191 14.51 17.37 -5.45
N THR B 192 15.52 17.24 -4.59
CA THR B 192 16.89 17.53 -5.05
C THR B 192 17.82 16.33 -5.15
N LEU B 193 17.28 15.13 -4.96
CA LEU B 193 18.09 13.93 -5.03
C LEU B 193 18.76 13.72 -6.39
N TRP B 194 18.02 13.94 -7.47
CA TRP B 194 18.61 13.71 -8.79
C TRP B 194 19.73 14.68 -9.17
N GLN B 195 19.54 15.96 -8.85
CA GLN B 195 20.54 16.97 -9.15
C GLN B 195 21.80 16.67 -8.35
N THR B 196 21.61 16.31 -7.08
CA THR B 196 22.72 15.96 -6.19
C THR B 196 23.51 14.78 -6.75
N SER B 197 22.78 13.80 -7.28
CA SER B 197 23.41 12.60 -7.83
C SER B 197 24.17 12.89 -9.12
N MET B 198 23.58 13.70 -9.99
CA MET B 198 24.20 14.07 -11.26
C MET B 198 25.43 14.94 -11.03
N ASP B 199 25.39 15.79 -10.01
CA ASP B 199 26.54 16.64 -9.72
C ASP B 199 27.67 15.71 -9.28
N PHE B 200 27.32 14.69 -8.48
CA PHE B 200 28.30 13.71 -8.01
C PHE B 200 28.96 13.01 -9.21
N ILE B 201 28.15 12.62 -10.19
CA ILE B 201 28.68 11.94 -11.39
C ILE B 201 29.54 12.88 -12.23
N LYS B 202 29.17 14.16 -12.24
CA LYS B 202 29.92 15.14 -12.98
C LYS B 202 31.33 15.26 -12.40
N LYS B 203 31.42 15.25 -11.07
CA LYS B 203 32.71 15.38 -10.38
C LYS B 203 33.49 14.08 -10.26
N ASN B 204 32.81 12.95 -10.46
CA ASN B 204 33.43 11.63 -10.36
C ASN B 204 33.06 10.73 -11.54
N PRO B 205 33.40 11.17 -12.77
CA PRO B 205 33.11 10.44 -14.00
C PRO B 205 33.61 9.02 -14.04
N GLU B 206 34.64 8.71 -13.25
CA GLU B 206 35.17 7.36 -13.23
C GLU B 206 34.21 6.35 -12.59
N TYR B 207 33.26 6.82 -11.80
CA TYR B 207 32.33 5.90 -11.16
C TYR B 207 31.15 5.51 -12.04
N LEU B 208 30.97 6.24 -13.13
CA LEU B 208 29.88 5.94 -14.05
C LEU B 208 30.31 4.80 -14.97
N ASP B 209 29.70 3.63 -14.83
CA ASP B 209 30.07 2.51 -15.69
C ASP B 209 29.66 2.79 -17.12
N GLU B 210 30.58 2.48 -18.02
CA GLU B 210 30.38 2.68 -19.45
C GLU B 210 29.12 1.97 -20.00
N ASN B 211 28.75 0.85 -19.39
CA ASN B 211 27.55 0.11 -19.84
C ASN B 211 26.46 0.06 -18.77
N ASN B 212 26.17 1.20 -18.15
CA ASN B 212 25.19 1.28 -17.06
C ASN B 212 23.71 1.23 -17.49
N LEU B 213 22.82 1.29 -16.49
CA LEU B 213 21.39 1.23 -16.74
C LEU B 213 20.74 2.62 -16.57
N MET B 214 21.37 3.67 -17.08
CA MET B 214 20.78 5.01 -16.96
C MET B 214 19.38 5.10 -17.57
N SER B 215 19.13 4.35 -18.64
CA SER B 215 17.85 4.38 -19.31
C SER B 215 16.67 3.91 -18.44
N PHE B 216 16.98 3.21 -17.36
CA PHE B 216 15.94 2.78 -16.45
C PHE B 216 15.55 3.99 -15.58
N LEU B 217 16.54 4.84 -15.28
CA LEU B 217 16.33 6.01 -14.43
C LEU B 217 15.91 7.28 -15.15
N SER B 218 16.18 7.36 -16.45
CA SER B 218 15.94 8.59 -17.17
C SER B 218 15.52 8.34 -18.61
N ASN B 219 14.61 9.17 -19.10
CA ASN B 219 14.12 9.06 -20.46
C ASN B 219 14.90 10.03 -21.35
N ASP B 220 15.63 10.96 -20.72
CA ASP B 220 16.38 11.97 -21.48
C ASP B 220 17.89 11.99 -21.23
N ASN B 221 18.46 10.81 -21.05
CA ASN B 221 19.89 10.67 -20.83
C ASN B 221 20.48 11.37 -19.63
N GLY B 222 19.76 11.43 -18.52
CA GLY B 222 20.32 12.08 -17.35
C GLY B 222 19.86 13.48 -17.00
N LYS B 223 19.21 14.15 -17.94
CA LYS B 223 18.69 15.50 -17.70
C LYS B 223 17.71 15.48 -16.52
N THR B 224 16.78 14.54 -16.54
CA THR B 224 15.82 14.44 -15.46
C THR B 224 15.62 12.99 -15.02
N TYR B 225 15.18 12.85 -13.77
CA TYR B 225 14.92 11.55 -13.17
C TYR B 225 13.45 11.19 -13.49
N ASN B 226 13.22 9.99 -14.01
CA ASN B 226 11.85 9.56 -14.32
C ASN B 226 11.20 8.99 -13.06
N LEU B 227 11.98 8.98 -11.98
CA LEU B 227 11.52 8.53 -10.66
C LEU B 227 11.50 7.02 -10.43
N CYS B 228 11.84 6.25 -11.45
CA CYS B 228 11.89 4.79 -11.32
C CYS B 228 12.94 4.28 -10.34
N HIS B 229 12.58 3.30 -9.52
CA HIS B 229 13.52 2.68 -8.59
C HIS B 229 13.14 1.25 -8.25
N PHE B 230 14.11 0.47 -7.81
CA PHE B 230 13.84 -0.90 -7.38
C PHE B 230 13.33 -0.74 -5.93
N TRP B 231 12.29 -1.48 -5.58
CA TRP B 231 11.68 -1.40 -4.24
C TRP B 231 12.57 -2.19 -3.28
N SER B 232 13.38 -1.46 -2.52
CA SER B 232 14.37 -2.07 -1.62
C SER B 232 13.90 -3.01 -0.51
N ASN B 233 12.60 -3.05 -0.22
CA ASN B 233 12.04 -3.98 0.78
C ASN B 233 12.45 -5.38 0.35
N PHE B 234 12.62 -5.59 -0.95
CA PHE B 234 13.09 -6.86 -1.42
C PHE B 234 14.39 -6.63 -2.17
N GLU B 235 15.49 -7.17 -1.63
CA GLU B 235 16.81 -7.10 -2.24
C GLU B 235 17.61 -8.34 -1.92
N ILE B 236 18.28 -8.87 -2.93
CA ILE B 236 19.20 -9.99 -2.73
C ILE B 236 20.40 -9.45 -3.49
N ALA B 237 21.46 -9.04 -2.76
CA ALA B 237 22.59 -8.43 -3.42
C ALA B 237 23.92 -8.66 -2.77
N ASN B 238 24.95 -8.19 -3.47
CA ASN B 238 26.32 -8.33 -3.01
C ASN B 238 26.74 -7.13 -2.16
N LEU B 239 27.03 -7.38 -0.89
CA LEU B 239 27.43 -6.34 0.04
C LEU B 239 28.63 -5.54 -0.45
N ASN B 240 29.44 -6.12 -1.35
CA ASN B 240 30.62 -5.41 -1.85
C ASN B 240 30.32 -4.23 -2.75
N LEU B 241 29.11 -4.16 -3.28
CA LEU B 241 28.72 -2.98 -4.08
C LEU B 241 28.68 -1.82 -3.06
N TRP B 242 27.94 -2.01 -1.98
CA TRP B 242 27.83 -0.93 -0.99
C TRP B 242 29.17 -0.58 -0.34
N ARG B 243 30.04 -1.57 -0.18
CA ARG B 243 31.35 -1.30 0.42
C ARG B 243 32.38 -0.74 -0.55
N SER B 244 31.98 -0.53 -1.81
CA SER B 244 32.92 -0.01 -2.80
C SER B 244 33.19 1.49 -2.62
N PRO B 245 34.34 1.99 -3.16
CA PRO B 245 34.61 3.42 -3.00
C PRO B 245 33.51 4.29 -3.66
N ALA B 246 33.05 3.90 -4.84
CA ALA B 246 32.00 4.67 -5.53
C ALA B 246 30.78 4.92 -4.63
N TYR B 247 30.30 3.85 -4.01
CA TYR B 247 29.12 3.99 -3.17
C TYR B 247 29.40 4.70 -1.86
N ARG B 248 30.53 4.40 -1.23
CA ARG B 248 30.86 5.08 0.03
C ARG B 248 30.90 6.60 -0.22
N GLU B 249 31.55 7.01 -1.30
CA GLU B 249 31.63 8.44 -1.66
C GLU B 249 30.28 9.01 -2.10
N TYR B 250 29.42 8.19 -2.74
CA TYR B 250 28.08 8.63 -3.13
C TYR B 250 27.25 8.87 -1.84
N PHE B 251 27.20 7.88 -0.96
CA PHE B 251 26.44 8.04 0.28
C PHE B 251 26.92 9.23 1.12
N ASP B 252 28.23 9.41 1.23
CA ASP B 252 28.77 10.52 2.01
C ASP B 252 28.30 11.86 1.41
N THR B 253 28.26 11.94 0.08
CA THR B 253 27.78 13.15 -0.60
C THR B 253 26.30 13.42 -0.29
N LEU B 254 25.50 12.36 -0.29
CA LEU B 254 24.09 12.47 0.02
C LEU B 254 23.91 12.87 1.47
N ASP B 255 24.69 12.24 2.34
CA ASP B 255 24.61 12.47 3.77
C ASP B 255 24.88 13.93 4.12
N HIS B 256 25.90 14.52 3.50
CA HIS B 256 26.22 15.92 3.73
C HIS B 256 25.28 16.88 3.03
N GLN B 257 24.57 16.42 2.00
CA GLN B 257 23.65 17.34 1.31
C GLN B 257 22.49 17.61 2.27
N GLY B 258 22.02 16.57 2.97
CA GLY B 258 20.94 16.75 3.92
C GLY B 258 19.55 16.24 3.56
N GLY B 259 19.37 15.72 2.36
CA GLY B 259 18.07 15.22 1.91
C GLY B 259 17.40 14.12 2.74
N PHE B 260 18.17 13.32 3.46
CA PHE B 260 17.55 12.28 4.29
C PHE B 260 16.69 12.96 5.35
N PHE B 261 17.12 14.14 5.79
CA PHE B 261 16.41 14.88 6.83
C PHE B 261 15.65 16.13 6.39
N TYR B 262 16.14 16.84 5.36
CA TYR B 262 15.46 18.05 4.88
C TYR B 262 14.39 17.79 3.82
N GLU B 263 14.37 16.57 3.29
CA GLU B 263 13.35 16.15 2.34
C GLU B 263 12.94 14.82 3.00
N ARG B 264 12.85 13.72 2.25
CA ARG B 264 12.52 12.46 2.88
C ARG B 264 13.08 11.36 1.99
N TRP B 265 14.37 11.45 1.69
CA TRP B 265 15.05 10.49 0.82
C TRP B 265 14.96 9.04 1.31
N GLY B 266 14.36 8.17 0.50
CA GLY B 266 14.26 6.77 0.85
C GLY B 266 15.51 6.02 0.36
N ASP B 267 15.84 4.93 1.03
CA ASP B 267 16.98 4.13 0.63
C ASP B 267 16.76 3.44 -0.72
N ALA B 268 15.50 3.22 -1.10
CA ALA B 268 15.16 2.55 -2.35
C ALA B 268 15.69 3.33 -3.57
N PRO B 269 15.33 4.64 -3.69
CA PRO B 269 15.88 5.34 -4.85
C PRO B 269 17.41 5.53 -4.73
N VAL B 270 17.88 5.69 -3.50
CA VAL B 270 19.32 5.85 -3.27
C VAL B 270 20.06 4.60 -3.76
N HIS B 271 19.64 3.43 -3.29
CA HIS B 271 20.26 2.17 -3.73
C HIS B 271 20.14 1.99 -5.22
N SER B 272 18.99 2.39 -5.77
CA SER B 272 18.69 2.23 -7.18
C SER B 272 19.55 3.09 -8.09
N ILE B 273 19.70 4.37 -7.76
CA ILE B 273 20.53 5.25 -8.57
C ILE B 273 21.96 4.69 -8.62
N ALA B 274 22.47 4.28 -7.45
CA ALA B 274 23.82 3.73 -7.36
C ALA B 274 23.95 2.47 -8.21
N ALA B 275 23.02 1.54 -8.03
CA ALA B 275 23.14 0.29 -8.79
C ALA B 275 23.04 0.53 -10.30
N ALA B 276 22.11 1.38 -10.73
CA ALA B 276 21.92 1.64 -12.15
C ALA B 276 23.00 2.50 -12.84
N LEU B 277 23.79 3.24 -12.09
CA LEU B 277 24.82 4.07 -12.71
C LEU B 277 26.23 3.56 -12.50
N PHE B 278 26.48 2.88 -11.37
CA PHE B 278 27.84 2.41 -11.03
C PHE B 278 28.22 1.01 -11.54
N LEU B 279 27.23 0.23 -11.96
CA LEU B 279 27.50 -1.14 -12.42
C LEU B 279 27.21 -1.40 -13.89
N PRO B 280 27.85 -2.44 -14.45
CA PRO B 280 27.53 -2.70 -15.86
C PRO B 280 26.07 -3.19 -15.67
N LYS B 281 25.19 -2.91 -16.63
CA LYS B 281 23.78 -3.29 -16.49
C LYS B 281 23.55 -4.80 -16.34
N ASP B 282 24.41 -5.63 -16.94
CA ASP B 282 24.20 -7.08 -16.81
C ASP B 282 24.49 -7.59 -15.39
N LYS B 283 24.81 -6.68 -14.48
CA LYS B 283 25.03 -7.06 -13.08
C LYS B 283 23.75 -6.91 -12.26
N ILE B 284 22.72 -6.31 -12.86
CA ILE B 284 21.41 -6.14 -12.20
C ILE B 284 20.49 -7.25 -12.71
N HIS B 285 19.70 -7.84 -11.81
CA HIS B 285 18.81 -8.94 -12.16
C HIS B 285 17.40 -8.85 -11.55
N TYR B 286 16.40 -9.10 -12.38
CA TYR B 286 15.00 -9.07 -11.95
C TYR B 286 14.54 -10.50 -11.77
N PHE B 287 14.08 -10.84 -10.56
CA PHE B 287 13.61 -12.21 -10.32
C PHE B 287 12.16 -12.38 -10.73
N SER B 288 11.95 -12.62 -12.02
CA SER B 288 10.60 -12.82 -12.54
C SER B 288 9.95 -14.09 -11.98
N ASP B 289 10.76 -14.98 -11.41
CA ASP B 289 10.30 -16.26 -10.86
C ASP B 289 10.00 -16.30 -9.37
N ILE B 290 10.29 -15.23 -8.64
CA ILE B 290 10.03 -15.25 -7.21
C ILE B 290 8.73 -14.53 -6.85
N GLY B 291 7.77 -15.29 -6.33
CA GLY B 291 6.48 -14.71 -5.95
C GLY B 291 6.70 -13.95 -4.65
N TYR B 292 6.28 -12.69 -4.62
CA TYR B 292 6.47 -11.84 -3.44
C TYR B 292 5.43 -10.76 -3.28
N HIS B 293 5.13 -10.45 -2.02
CA HIS B 293 4.19 -9.39 -1.70
C HIS B 293 4.72 -8.59 -0.53
N HIS B 294 4.75 -7.28 -0.67
CA HIS B 294 5.08 -6.41 0.47
C HIS B 294 3.93 -5.43 0.30
N PRO B 295 3.07 -5.27 1.31
CA PRO B 295 1.95 -4.33 1.11
C PRO B 295 2.39 -3.02 0.44
N PRO B 296 1.70 -2.61 -0.64
CA PRO B 296 0.53 -3.23 -1.26
C PRO B 296 0.83 -3.80 -2.66
N TYR B 297 2.09 -4.08 -2.98
CA TYR B 297 2.41 -4.59 -4.32
C TYR B 297 2.88 -6.04 -4.41
N ASP B 298 2.44 -6.72 -5.47
CA ASP B 298 2.81 -8.13 -5.74
C ASP B 298 3.79 -8.28 -6.92
N ASN B 299 4.57 -9.36 -6.88
CA ASN B 299 5.40 -9.79 -8.00
C ASN B 299 4.88 -11.24 -8.06
N CYS B 300 4.21 -11.59 -9.14
CA CYS B 300 3.63 -12.93 -9.28
C CYS B 300 4.11 -13.48 -10.64
N PRO B 301 4.83 -14.61 -10.62
CA PRO B 301 5.36 -15.24 -11.83
C PRO B 301 4.33 -15.42 -12.92
N LEU B 302 4.61 -14.81 -14.06
CA LEU B 302 3.74 -14.85 -15.21
C LEU B 302 3.93 -16.11 -16.05
N ASP B 303 5.12 -16.71 -15.98
CA ASP B 303 5.38 -17.93 -16.73
C ASP B 303 4.63 -19.10 -16.10
N LYS B 304 3.83 -19.77 -16.93
CA LYS B 304 3.01 -20.90 -16.50
C LYS B 304 3.76 -22.04 -15.82
N GLU B 305 4.84 -22.50 -16.42
CA GLU B 305 5.62 -23.60 -15.83
C GLU B 305 6.18 -23.18 -14.49
N VAL B 306 6.75 -21.98 -14.42
CA VAL B 306 7.31 -21.52 -13.15
C VAL B 306 6.20 -21.46 -12.09
N TYR B 307 5.08 -20.82 -12.45
CA TYR B 307 3.94 -20.68 -11.53
C TYR B 307 3.45 -22.03 -10.99
N ASN B 308 3.18 -22.97 -11.87
CA ASN B 308 2.71 -24.29 -11.49
C ASN B 308 3.76 -25.12 -10.77
N SER B 309 4.96 -25.19 -11.34
CA SER B 309 6.04 -25.98 -10.73
C SER B 309 6.38 -25.54 -9.31
N ASN B 310 6.27 -24.25 -9.03
CA ASN B 310 6.62 -23.74 -7.72
C ASN B 310 5.39 -23.53 -6.81
N ASN B 311 4.26 -24.08 -7.23
CA ASN B 311 3.00 -24.02 -6.50
C ASN B 311 2.70 -22.63 -5.97
N CYS B 312 2.71 -21.67 -6.87
CA CYS B 312 2.45 -20.29 -6.49
C CYS B 312 1.04 -20.09 -5.97
N GLU B 313 0.88 -19.15 -5.03
CA GLU B 313 -0.40 -18.87 -4.41
C GLU B 313 -1.00 -17.49 -4.73
N CYS B 314 -0.39 -16.76 -5.65
CA CYS B 314 -0.89 -15.41 -5.99
C CYS B 314 -1.73 -15.33 -7.26
N ASP B 315 -2.36 -14.19 -7.48
CA ASP B 315 -3.15 -13.98 -8.68
C ASP B 315 -2.21 -13.34 -9.71
N GLN B 316 -1.93 -14.07 -10.78
CA GLN B 316 -1.06 -13.53 -11.82
C GLN B 316 -1.53 -12.17 -12.36
N GLY B 317 -2.85 -12.00 -12.51
CA GLY B 317 -3.38 -10.75 -13.03
C GLY B 317 -3.09 -9.58 -12.10
N ASN B 318 -2.64 -9.88 -10.88
CA ASN B 318 -2.33 -8.81 -9.96
C ASN B 318 -0.84 -8.49 -9.93
N ASP B 319 -0.07 -9.14 -10.79
CA ASP B 319 1.37 -8.86 -10.85
C ASP B 319 1.53 -7.35 -11.12
N PHE B 320 2.30 -6.67 -10.30
CA PHE B 320 2.49 -5.23 -10.46
C PHE B 320 3.49 -4.85 -11.55
N THR B 321 4.45 -5.74 -11.83
CA THR B 321 5.52 -5.49 -12.81
C THR B 321 5.21 -4.57 -13.99
N PHE B 322 4.19 -4.89 -14.76
CA PHE B 322 3.87 -4.12 -15.94
C PHE B 322 2.75 -3.12 -15.84
N GLN B 323 2.28 -2.85 -14.62
CA GLN B 323 1.26 -1.84 -14.43
C GLN B 323 1.93 -0.49 -14.71
N GLY B 324 1.13 0.52 -15.04
CA GLY B 324 1.66 1.83 -15.36
C GLY B 324 2.58 2.52 -14.38
N TYR B 325 2.18 2.47 -13.11
CA TYR B 325 2.95 3.11 -12.06
C TYR B 325 4.17 2.27 -11.64
N SER B 326 4.23 1.04 -12.11
CA SER B 326 5.38 0.17 -11.83
C SER B 326 6.48 0.58 -12.82
N CYS B 327 7.70 0.08 -12.65
CA CYS B 327 8.77 0.40 -13.61
C CYS B 327 9.28 -0.86 -14.34
N GLY B 328 8.44 -1.89 -14.39
CA GLY B 328 8.81 -3.11 -15.08
C GLY B 328 9.05 -2.85 -16.56
N LYS B 329 8.20 -2.02 -17.18
CA LYS B 329 8.37 -1.74 -18.60
C LYS B 329 9.70 -1.03 -18.84
N GLU B 330 9.95 0.00 -18.03
CA GLU B 330 11.17 0.78 -18.12
C GLU B 330 12.39 -0.11 -17.92
N TYR B 331 12.27 -1.07 -17.01
CA TYR B 331 13.38 -1.97 -16.71
C TYR B 331 13.67 -2.93 -17.84
N TYR B 332 12.62 -3.59 -18.33
CA TYR B 332 12.79 -4.53 -19.42
C TYR B 332 13.34 -3.84 -20.65
N ASP B 333 12.77 -2.69 -20.96
CA ASP B 333 13.23 -1.94 -22.11
C ASP B 333 14.69 -1.52 -21.95
N ALA B 334 15.08 -1.16 -20.73
CA ALA B 334 16.47 -0.73 -20.51
C ALA B 334 17.47 -1.87 -20.70
N GLN B 335 17.08 -3.07 -20.29
CA GLN B 335 17.95 -4.25 -20.37
C GLN B 335 17.83 -4.96 -21.71
N GLY B 336 16.88 -4.51 -22.54
CA GLY B 336 16.67 -5.18 -23.83
C GLY B 336 16.01 -6.55 -23.63
N LEU B 337 15.24 -6.72 -22.57
CA LEU B 337 14.56 -7.98 -22.29
C LEU B 337 13.22 -7.97 -23.00
N VAL B 338 12.83 -9.09 -23.60
CA VAL B 338 11.57 -9.15 -24.30
C VAL B 338 10.44 -9.22 -23.27
N LYS B 339 9.47 -8.32 -23.36
CA LYS B 339 8.36 -8.34 -22.40
C LYS B 339 7.38 -9.48 -22.71
N PRO B 340 6.69 -10.00 -21.69
CA PRO B 340 5.74 -11.07 -22.00
C PRO B 340 4.71 -10.53 -22.97
N LYS B 341 4.21 -11.42 -23.83
CA LYS B 341 3.25 -11.07 -24.86
C LYS B 341 2.01 -10.33 -24.36
N ASN B 342 1.52 -10.66 -23.18
CA ASN B 342 0.31 -9.98 -22.69
C ASN B 342 0.58 -8.84 -21.71
N TRP B 343 1.78 -8.26 -21.75
CA TRP B 343 2.13 -7.18 -20.83
C TRP B 343 1.15 -5.99 -20.86
N LYS B 344 0.63 -5.65 -22.03
CA LYS B 344 -0.31 -4.52 -22.12
C LYS B 344 -1.62 -4.71 -21.33
N LYS B 345 -2.04 -5.95 -21.13
CA LYS B 345 -3.28 -6.17 -20.38
C LYS B 345 -3.18 -5.62 -18.96
N PHE B 346 -1.96 -5.48 -18.44
CA PHE B 346 -1.74 -4.94 -17.10
C PHE B 346 -1.93 -3.43 -17.06
N ARG B 347 -2.10 -2.82 -18.23
CA ARG B 347 -2.28 -1.37 -18.32
C ARG B 347 -3.72 -0.99 -18.63
N GLU B 348 -4.65 -1.94 -18.49
CA GLU B 348 -6.06 -1.67 -18.78
C GLU B 348 -6.78 -0.87 -17.69
C1 NAG C . -12.06 16.38 -27.26
C2 NAG C . -12.36 17.69 -27.99
C3 NAG C . -11.24 18.03 -28.99
C4 NAG C . -9.85 17.90 -28.35
C5 NAG C . -9.73 16.52 -27.72
C6 NAG C . -8.38 16.21 -27.09
C7 NAG C . -14.66 18.31 -28.45
C8 NAG C . -15.94 18.00 -29.22
N2 NAG C . -13.61 17.53 -28.72
O3 NAG C . -11.41 19.37 -29.45
O4 NAG C . -8.85 18.06 -29.36
O5 NAG C . -10.73 16.39 -26.69
O6 NAG C . -7.96 17.26 -26.22
O7 NAG C . -14.62 19.22 -27.61
C1 NAG C . -7.82 18.93 -29.03
C2 NAG C . -6.71 18.81 -30.07
C3 NAG C . -5.60 19.82 -29.73
C4 NAG C . -6.19 21.23 -29.58
C5 NAG C . -7.35 21.22 -28.58
C6 NAG C . -8.06 22.56 -28.49
C7 NAG C . -6.59 16.57 -30.97
C8 NAG C . -5.94 15.19 -30.91
N2 NAG C . -6.18 17.47 -30.06
O3 NAG C . -4.61 19.80 -30.75
O4 NAG C . -5.17 22.15 -29.12
O5 NAG C . -8.34 20.25 -28.98
O6 NAG C . -8.87 22.62 -27.33
O7 NAG C . -7.42 16.84 -31.83
C1 BMA C . -4.37 22.75 -30.07
C2 BMA C . -4.01 24.16 -29.58
C3 BMA C . -2.94 24.82 -30.46
C4 BMA C . -1.76 23.87 -30.68
C5 BMA C . -2.23 22.48 -31.13
C6 BMA C . -1.06 21.52 -31.17
O2 BMA C . -3.56 24.11 -28.24
O3 BMA C . -2.45 26.00 -29.79
O4 BMA C . -0.86 24.40 -31.63
O5 BMA C . -3.18 21.95 -30.19
O6 BMA C . -1.50 20.20 -31.58
C1 MAN C . -2.77 27.24 -30.34
C2 MAN C . -1.61 28.22 -30.05
C3 MAN C . -1.48 28.40 -28.54
C4 MAN C . -2.81 28.88 -27.94
C5 MAN C . -3.98 27.98 -28.36
C6 MAN C . -5.31 28.62 -28.00
O2 MAN C . -1.87 29.50 -30.67
O3 MAN C . -0.45 29.33 -28.25
O4 MAN C . -2.71 28.89 -26.53
O5 MAN C . -3.99 27.77 -29.79
O6 MAN C . -6.38 28.01 -28.71
C1 MAN C . -0.85 29.98 -31.51
C2 MAN C . -0.55 31.45 -31.17
C3 MAN C . -1.69 32.37 -31.62
C4 MAN C . -2.08 32.10 -33.08
C5 MAN C . -2.34 30.61 -33.30
C6 MAN C . -2.65 30.25 -34.74
O2 MAN C . 0.67 31.87 -31.77
O3 MAN C . -1.28 33.72 -31.49
O4 MAN C . -3.25 32.84 -33.41
O5 MAN C . -1.19 29.84 -32.89
O6 MAN C . -1.57 30.59 -35.59
C1 MAN C . -0.44 19.29 -31.50
C2 MAN C . -0.81 17.99 -32.24
C3 MAN C . -1.83 17.16 -31.44
C4 MAN C . -1.41 16.99 -29.98
C5 MAN C . -1.07 18.34 -29.37
C6 MAN C . -0.54 18.25 -27.95
O2 MAN C . 0.37 17.22 -32.44
O3 MAN C . -1.98 15.86 -32.04
O4 MAN C . -2.48 16.39 -29.24
O5 MAN C . -0.04 19.00 -30.17
O6 MAN C . 0.62 17.40 -27.90
C1 MAN C . -2.95 15.74 -33.04
C2 MAN C . -3.37 14.28 -33.18
C3 MAN C . -2.17 13.46 -33.67
C4 MAN C . -1.70 14.02 -35.00
C5 MAN C . -1.37 15.52 -34.86
C6 MAN C . -1.05 16.19 -36.19
O2 MAN C . -4.41 14.20 -34.14
O3 MAN C . -2.53 12.10 -33.82
O4 MAN C . -0.56 13.30 -35.44
O5 MAN C . -2.50 16.24 -34.30
O6 MAN C . -0.51 17.48 -35.97
C1 MAN C . 0.90 17.02 -26.58
C2 MAN C . 2.39 16.69 -26.43
C3 MAN C . 2.73 15.40 -27.18
C4 MAN C . 1.79 14.26 -26.78
C5 MAN C . 0.32 14.69 -26.89
C6 MAN C . -0.64 13.64 -26.34
O2 MAN C . 2.74 16.57 -25.07
O3 MAN C . 4.07 15.03 -26.88
O4 MAN C . 2.02 13.15 -27.63
O5 MAN C . 0.11 15.90 -26.14
O6 MAN C . -1.24 14.08 -25.13
C1 NAG D . 18.59 26.24 11.62
C2 NAG D . 19.25 27.58 11.28
C3 NAG D . 18.46 28.75 11.87
C4 NAG D . 16.96 28.63 11.54
C5 NAG D . 16.42 27.21 11.84
C6 NAG D . 14.98 27.00 11.39
C7 NAG D . 21.63 27.69 10.92
C8 NAG D . 23.03 27.59 11.49
N2 NAG D . 20.62 27.60 11.78
O3 NAG D . 18.96 29.97 11.36
O4 NAG D . 16.22 29.57 12.34
O5 NAG D . 17.23 26.23 11.17
O6 NAG D . 14.84 27.16 9.98
O7 NAG D . 21.48 27.84 9.71
C1 NDG D . 15.96 30.83 11.82
C2 NDG D . 15.14 31.63 12.84
C3 NDG D . 14.79 33.00 12.25
C4 NDG D . 14.07 32.83 10.91
C5 NDG D . 14.88 31.94 9.95
C6 NDG D . 16.17 32.57 9.46
C7 NDG D . 13.94 30.06 14.23
C8 NDG D . 13.97 28.57 13.96
O5 NDG D . 15.22 30.67 10.59
O3 NDG D . 15.99 33.74 12.05
O4 NDG D . 12.78 32.28 11.12
O6 NDG D . 16.57 32.04 8.20
O7 NDG D . 13.91 30.45 15.40
N2 NDG D . 13.94 30.89 13.19
CL CL E . 2.68 9.02 8.24
CL CL F . -0.90 1.83 -12.22
C1 GOL G . -10.81 4.45 -4.29
O1 GOL G . -11.17 5.88 -3.70
C2 GOL G . -10.67 3.29 -3.54
O2 GOL G . -9.75 3.44 -2.56
C3 GOL G . -11.43 2.46 -3.95
O3 GOL G . -12.54 1.79 -4.84
C1 GOL H . 1.68 1.71 7.82
O1 GOL H . 2.56 3.03 7.63
C2 GOL H . 1.61 0.95 8.99
O2 GOL H . 2.78 0.89 9.63
C3 GOL H . 0.49 0.54 9.11
O3 GOL H . -1.00 0.29 8.84
C1 GOL I . -1.69 -3.18 -7.61
O1 GOL I . -2.40 -1.83 -8.10
C2 GOL I . -2.06 -4.48 -7.98
O2 GOL I . -3.26 -4.53 -8.58
C3 GOL I . -1.19 -5.24 -7.65
O3 GOL I . 0.14 -5.76 -7.06
C1 GOL J . 11.74 3.38 1.15
O1 GOL J . 12.82 3.98 0.14
C2 GOL J . 11.31 2.06 1.13
O2 GOL J . 10.32 1.87 0.23
C3 GOL J . 11.93 1.44 1.94
O3 GOL J . 12.98 1.15 3.05
#